data_2P9J
#
_entry.id   2P9J
#
_cell.length_a   121.325
_cell.length_b   121.325
_cell.length_c   86.897
_cell.angle_alpha   90.00
_cell.angle_beta   90.00
_cell.angle_gamma   90.00
#
_symmetry.space_group_name_H-M   'P 42'
#
loop_
_entity.id
_entity.type
_entity.pdbx_description
1 polymer 'Hypothetical protein AQ2171'
2 water water
#
_entity_poly.entity_id   1
_entity_poly.type   'polypeptide(L)'
_entity_poly.pdbx_seq_one_letter_code
;ALRDRVKKLKLLI(MSE)DIDGVLTDGKLYYTEHGETIKVFNVLDGIGIKLLQK(MSE)GITLAVISGRDSAPLITRLKE
LGVEEIYTGSYKKLEIYEKIKEKYSLKDEEIGFIGDDVVDIEV(MSE)KKVGFPVAVRNAVEEVRKVAVYITQRNGGEGA
LREVAELIHFLKND
;
_entity_poly.pdbx_strand_id   A,B,C,D,E,F,G,H
#
# COMPACT_ATOMS: atom_id res chain seq x y z
N ALA A 1 29.52 -9.34 14.92
CA ALA A 1 29.21 -10.75 15.35
C ALA A 1 28.36 -11.53 14.33
N LEU A 2 27.62 -10.83 13.48
CA LEU A 2 26.77 -11.51 12.49
C LEU A 2 27.62 -12.16 11.39
N ARG A 3 28.69 -11.46 11.01
CA ARG A 3 29.69 -11.96 10.08
C ARG A 3 30.34 -13.23 10.62
N ASP A 4 30.61 -13.23 11.92
CA ASP A 4 31.16 -14.39 12.63
C ASP A 4 30.20 -15.58 12.68
N ARG A 5 28.92 -15.30 12.95
CA ARG A 5 27.88 -16.34 12.98
C ARG A 5 27.69 -16.94 11.59
N VAL A 6 27.67 -16.09 10.57
CA VAL A 6 27.50 -16.54 9.19
C VAL A 6 28.65 -17.43 8.75
N LYS A 7 29.87 -17.07 9.15
CA LYS A 7 31.09 -17.83 8.82
C LYS A 7 31.13 -19.26 9.38
N LYS A 8 30.41 -19.50 10.48
CA LYS A 8 30.31 -20.83 11.07
C LYS A 8 29.30 -21.73 10.34
N LEU A 9 28.39 -21.11 9.59
CA LEU A 9 27.21 -21.82 9.06
C LEU A 9 27.58 -22.90 8.05
N LYS A 10 26.95 -24.06 8.21
CA LYS A 10 27.14 -25.21 7.32
C LYS A 10 25.80 -25.84 6.98
N LEU A 11 24.78 -25.59 7.80
CA LEU A 11 23.45 -26.16 7.57
C LEU A 11 22.33 -25.20 7.96
N LEU A 12 21.45 -24.95 7.00
CA LEU A 12 20.28 -24.12 7.22
C LEU A 12 18.97 -24.93 7.22
N ILE A 13 18.24 -24.84 8.33
CA ILE A 13 16.92 -25.44 8.46
C ILE A 13 15.83 -24.40 8.16
N ASP A 15 11.46 -23.55 7.97
CA ASP A 15 10.03 -23.85 8.03
C ASP A 15 9.46 -23.54 6.64
N ILE A 16 8.22 -23.96 6.38
CA ILE A 16 7.66 -23.80 5.04
C ILE A 16 6.56 -22.73 4.99
N ASP A 17 5.44 -23.00 5.64
CA ASP A 17 4.29 -22.08 5.64
C ASP A 17 4.58 -20.79 6.42
N GLY A 18 4.53 -19.67 5.69
CA GLY A 18 4.89 -18.37 6.22
C GLY A 18 6.34 -18.00 5.96
N VAL A 19 7.10 -18.92 5.36
CA VAL A 19 8.52 -18.72 5.07
C VAL A 19 8.81 -18.82 3.56
N LEU A 20 8.46 -19.96 2.96
CA LEU A 20 8.51 -20.18 1.51
C LEU A 20 7.12 -19.93 0.88
N THR A 21 6.15 -19.68 1.74
CA THR A 21 4.76 -19.40 1.36
C THR A 21 4.31 -18.16 2.13
N ASP A 22 3.22 -17.54 1.67
CA ASP A 22 2.62 -16.38 2.35
C ASP A 22 1.55 -16.79 3.37
N GLY A 23 1.55 -18.08 3.76
CA GLY A 23 0.64 -18.61 4.78
C GLY A 23 -0.61 -19.30 4.25
N LYS A 24 -0.93 -19.05 2.98
CA LYS A 24 -2.13 -19.59 2.34
C LYS A 24 -2.07 -21.11 2.15
N LEU A 25 -3.19 -21.77 2.39
CA LEU A 25 -3.32 -23.20 2.21
C LEU A 25 -4.41 -23.51 1.21
N TYR A 26 -4.01 -24.05 0.06
CA TYR A 26 -4.95 -24.32 -1.05
C TYR A 26 -5.49 -25.75 -0.94
N TYR A 27 -6.80 -25.85 -0.78
CA TYR A 27 -7.46 -27.11 -0.49
C TYR A 27 -8.43 -27.56 -1.57
N THR A 28 -8.39 -28.86 -1.88
CA THR A 28 -9.42 -29.53 -2.68
C THR A 28 -10.10 -30.56 -1.77
N GLU A 29 -11.00 -31.37 -2.33
CA GLU A 29 -11.72 -32.38 -1.55
C GLU A 29 -10.79 -33.31 -0.76
N HIS A 30 -9.63 -33.61 -1.35
CA HIS A 30 -8.67 -34.52 -0.73
C HIS A 30 -7.53 -33.84 0.03
N GLY A 31 -7.71 -32.56 0.33
CA GLY A 31 -6.79 -31.81 1.20
C GLY A 31 -5.95 -30.79 0.47
N GLU A 32 -4.78 -30.47 1.03
CA GLU A 32 -3.86 -29.50 0.43
C GLU A 32 -3.10 -30.09 -0.76
N THR A 33 -3.67 -29.94 -1.95
CA THR A 33 -3.15 -30.60 -3.17
C THR A 33 -2.46 -29.61 -4.09
N ILE A 34 -2.64 -28.33 -3.78
CA ILE A 34 -2.00 -27.25 -4.52
C ILE A 34 -1.18 -26.45 -3.53
N LYS A 35 0.07 -26.18 -3.88
CA LYS A 35 0.96 -25.37 -3.06
C LYS A 35 1.72 -24.37 -3.90
N VAL A 36 1.73 -23.12 -3.47
CA VAL A 36 2.27 -22.04 -4.26
C VAL A 36 3.61 -21.57 -3.71
N PHE A 37 4.62 -21.53 -4.57
CA PHE A 37 5.97 -21.09 -4.18
C PHE A 37 6.45 -19.83 -4.95
N ASN A 38 7.66 -19.39 -4.67
CA ASN A 38 8.25 -18.21 -5.32
C ASN A 38 9.53 -18.60 -6.06
N VAL A 39 9.66 -18.15 -7.31
CA VAL A 39 10.83 -18.45 -8.14
C VAL A 39 12.14 -17.92 -7.53
N LEU A 40 12.04 -16.84 -6.76
CA LEU A 40 13.20 -16.20 -6.14
C LEU A 40 13.84 -17.12 -5.11
N ASP A 41 12.99 -17.75 -4.30
CA ASP A 41 13.40 -18.73 -3.31
C ASP A 41 14.13 -19.93 -3.92
N GLY A 42 13.72 -20.33 -5.14
CA GLY A 42 14.36 -21.43 -5.85
C GLY A 42 15.80 -21.09 -6.15
N ILE A 43 16.01 -19.84 -6.60
CA ILE A 43 17.34 -19.28 -6.86
C ILE A 43 18.13 -19.22 -5.57
N GLY A 44 17.47 -18.80 -4.50
CA GLY A 44 18.08 -18.71 -3.16
C GLY A 44 18.54 -20.06 -2.63
N ILE A 45 17.68 -21.07 -2.76
CA ILE A 45 18.00 -22.47 -2.43
C ILE A 45 19.30 -22.92 -3.12
N LYS A 46 19.38 -22.73 -4.44
CA LYS A 46 20.54 -23.15 -5.24
C LYS A 46 21.80 -22.39 -4.85
N LEU A 47 21.63 -21.09 -4.64
CA LEU A 47 22.71 -20.17 -4.27
C LEU A 47 23.34 -20.52 -2.91
N LEU A 48 22.49 -20.97 -1.99
CA LEU A 48 22.96 -21.38 -0.68
C LEU A 48 23.73 -22.68 -0.75
N GLN A 49 23.26 -23.60 -1.59
CA GLN A 49 23.92 -24.88 -1.81
C GLN A 49 25.28 -24.72 -2.47
N LYS A 50 25.39 -23.76 -3.39
CA LYS A 50 26.65 -23.41 -4.06
C LYS A 50 27.68 -22.79 -3.10
N GLY A 52 27.91 -24.13 -0.08
CA GLY A 52 28.22 -25.27 0.75
C GLY A 52 27.36 -25.37 2.00
N ILE A 53 26.16 -24.82 1.94
CA ILE A 53 25.20 -24.92 3.03
C ILE A 53 24.20 -26.04 2.73
N THR A 54 24.24 -27.09 3.54
CA THR A 54 23.21 -28.12 3.52
C THR A 54 21.88 -27.47 3.93
N LEU A 55 20.83 -27.77 3.21
CA LEU A 55 19.50 -27.28 3.55
C LEU A 55 18.66 -28.37 4.17
N ALA A 56 17.89 -28.01 5.18
CA ALA A 56 16.99 -28.94 5.84
C ALA A 56 15.61 -28.33 6.00
N VAL A 57 14.60 -29.17 6.09
CA VAL A 57 13.22 -28.71 6.22
C VAL A 57 12.59 -29.37 7.44
N ILE A 58 12.09 -28.57 8.38
CA ILE A 58 11.24 -29.06 9.46
C ILE A 58 9.91 -28.32 9.43
N SER A 59 8.91 -28.97 8.86
CA SER A 59 7.57 -28.42 8.74
C SER A 59 6.56 -29.25 9.52
N GLY A 60 5.56 -28.60 10.10
CA GLY A 60 4.49 -29.29 10.79
C GLY A 60 3.53 -29.93 9.82
N ARG A 61 3.48 -29.41 8.60
CA ARG A 61 2.55 -29.87 7.58
C ARG A 61 3.21 -30.74 6.52
N ASP A 62 2.42 -31.66 6.00
CA ASP A 62 2.86 -32.55 4.94
C ASP A 62 2.04 -32.31 3.70
N SER A 63 2.69 -32.44 2.54
CA SER A 63 2.04 -32.17 1.27
C SER A 63 2.82 -32.81 0.13
N ALA A 64 2.09 -33.40 -0.81
CA ALA A 64 2.69 -33.91 -2.04
C ALA A 64 3.41 -32.82 -2.86
N PRO A 65 2.72 -31.68 -3.16
CA PRO A 65 3.36 -30.60 -3.92
C PRO A 65 4.59 -30.04 -3.25
N LEU A 66 4.64 -30.11 -1.92
CA LEU A 66 5.77 -29.61 -1.15
C LEU A 66 7.01 -30.46 -1.36
N ILE A 67 6.83 -31.77 -1.26
CA ILE A 67 7.94 -32.71 -1.45
C ILE A 67 8.41 -32.70 -2.89
N THR A 68 7.48 -32.64 -3.86
CA THR A 68 7.84 -32.44 -5.27
C THR A 68 8.75 -31.22 -5.45
N ARG A 69 8.31 -30.07 -4.93
CA ARG A 69 9.10 -28.85 -5.01
C ARG A 69 10.45 -28.97 -4.30
N LEU A 70 10.43 -29.50 -3.07
CA LEU A 70 11.65 -29.69 -2.28
C LEU A 70 12.65 -30.66 -2.93
N LYS A 71 12.18 -31.81 -3.40
CA LYS A 71 13.03 -32.78 -4.12
C LYS A 71 13.62 -32.17 -5.39
N GLU A 72 12.79 -31.43 -6.13
CA GLU A 72 13.21 -30.74 -7.37
C GLU A 72 14.38 -29.79 -7.17
N LEU A 73 14.38 -29.10 -6.03
CA LEU A 73 15.44 -28.15 -5.65
C LEU A 73 16.65 -28.83 -5.00
N GLY A 74 16.55 -30.14 -4.79
CA GLY A 74 17.63 -30.91 -4.20
C GLY A 74 17.72 -30.83 -2.69
N VAL A 75 16.61 -30.48 -2.04
CA VAL A 75 16.53 -30.50 -0.58
C VAL A 75 16.38 -31.96 -0.10
N GLU A 76 17.35 -32.42 0.69
CA GLU A 76 17.41 -33.83 1.09
C GLU A 76 16.76 -34.07 2.45
N GLU A 77 17.27 -33.39 3.48
CA GLU A 77 16.68 -33.47 4.82
C GLU A 77 15.28 -32.87 4.84
N ILE A 78 14.28 -33.72 4.67
CA ILE A 78 12.89 -33.30 4.74
C ILE A 78 12.17 -33.95 5.93
N TYR A 79 11.65 -33.12 6.83
CA TYR A 79 10.86 -33.58 7.97
C TYR A 79 9.50 -32.89 8.05
N THR A 80 8.45 -33.65 7.74
CA THR A 80 7.06 -33.18 7.76
C THR A 80 6.27 -33.94 8.82
N GLY A 81 5.23 -33.30 9.34
CA GLY A 81 4.40 -33.91 10.39
C GLY A 81 4.90 -33.54 11.78
N SER A 82 5.95 -32.74 11.82
CA SER A 82 6.57 -32.31 13.08
C SER A 82 6.35 -30.82 13.34
N LYS A 85 9.76 -30.25 17.59
CA LYS A 85 10.81 -29.79 16.69
C LYS A 85 12.25 -29.93 17.21
N LEU A 86 12.41 -29.89 18.54
CA LEU A 86 13.72 -30.03 19.17
C LEU A 86 14.25 -31.44 19.00
N GLU A 87 13.32 -32.40 19.03
CA GLU A 87 13.61 -33.82 18.78
C GLU A 87 14.29 -34.00 17.43
N ILE A 88 13.68 -33.46 16.37
CA ILE A 88 14.20 -33.55 15.00
C ILE A 88 15.49 -32.76 14.85
N TYR A 89 15.54 -31.59 15.48
CA TYR A 89 16.76 -30.78 15.51
C TYR A 89 18.02 -31.55 15.99
N GLU A 90 17.89 -32.35 17.04
CA GLU A 90 19.04 -33.12 17.56
C GLU A 90 19.45 -34.25 16.63
N LYS A 91 18.45 -34.87 16.00
CA LYS A 91 18.68 -35.94 15.04
C LYS A 91 19.51 -35.45 13.83
N ILE A 92 19.31 -34.19 13.45
CA ILE A 92 20.04 -33.57 12.33
C ILE A 92 21.45 -33.18 12.76
N LYS A 93 21.54 -32.58 13.95
CA LYS A 93 22.80 -32.20 14.58
C LYS A 93 23.71 -33.43 14.73
N GLU A 94 23.10 -34.55 15.08
CA GLU A 94 23.82 -35.79 15.32
C GLU A 94 24.27 -36.42 14.01
N LYS A 95 23.36 -36.44 13.03
CA LYS A 95 23.63 -37.03 11.72
C LYS A 95 24.79 -36.33 11.00
N TYR A 96 24.87 -35.01 11.14
CA TYR A 96 25.88 -34.22 10.43
C TYR A 96 27.03 -33.82 11.34
N SER A 97 27.04 -34.37 12.56
CA SER A 97 28.07 -34.12 13.59
C SER A 97 28.38 -32.64 13.81
N LEU A 98 27.34 -31.83 13.92
CA LEU A 98 27.47 -30.38 14.01
C LEU A 98 27.24 -29.84 15.42
N LYS A 99 27.66 -28.61 15.65
CA LYS A 99 27.36 -27.91 16.88
C LYS A 99 26.17 -26.99 16.63
N ASP A 100 25.60 -26.44 17.71
CA ASP A 100 24.52 -25.47 17.61
C ASP A 100 24.92 -24.26 16.77
N GLU A 101 26.16 -23.80 16.97
CA GLU A 101 26.68 -22.59 16.33
C GLU A 101 26.88 -22.73 14.83
N GLU A 102 26.88 -23.97 14.35
CA GLU A 102 27.11 -24.24 12.93
C GLU A 102 25.81 -24.41 12.15
N ILE A 103 24.68 -24.31 12.85
CA ILE A 103 23.36 -24.49 12.23
C ILE A 103 22.58 -23.17 12.20
N GLY A 104 21.70 -23.03 11.21
CA GLY A 104 20.83 -21.88 11.06
C GLY A 104 19.40 -22.35 11.04
N PHE A 105 18.47 -21.43 11.32
CA PHE A 105 17.02 -21.71 11.27
C PHE A 105 16.21 -20.48 10.84
N ILE A 106 15.46 -20.61 9.75
CA ILE A 106 14.50 -19.57 9.35
C ILE A 106 13.05 -19.95 9.68
N GLY A 107 12.46 -19.21 10.61
CA GLY A 107 11.13 -19.53 11.14
C GLY A 107 10.11 -18.42 11.05
N ASP A 108 8.89 -18.71 11.47
CA ASP A 108 7.75 -17.80 11.41
C ASP A 108 6.87 -17.96 12.65
N ASP A 109 6.67 -19.20 13.07
CA ASP A 109 5.73 -19.56 14.11
C ASP A 109 6.41 -19.74 15.47
N VAL A 110 5.59 -19.66 16.53
CA VAL A 110 6.00 -19.78 17.94
C VAL A 110 6.69 -21.12 18.25
N VAL A 111 6.26 -22.19 17.58
CA VAL A 111 6.82 -23.52 17.79
C VAL A 111 8.22 -23.67 17.16
N ASP A 112 8.77 -22.56 16.64
CA ASP A 112 10.15 -22.51 16.13
C ASP A 112 11.12 -21.93 17.14
N ILE A 113 10.60 -21.17 18.10
CA ILE A 113 11.39 -20.46 19.11
C ILE A 113 12.43 -21.33 19.81
N GLU A 114 12.00 -22.48 20.26
CA GLU A 114 12.80 -23.41 20.99
C GLU A 114 14.12 -23.76 20.30
N VAL A 115 14.04 -24.12 19.04
CA VAL A 115 15.20 -24.35 18.18
C VAL A 115 16.00 -23.08 17.88
N LYS A 117 16.51 -20.51 19.63
CA LYS A 117 17.29 -20.08 20.80
C LYS A 117 18.58 -20.89 20.97
N LYS A 118 18.58 -22.10 20.43
CA LYS A 118 19.74 -22.98 20.49
C LYS A 118 20.69 -22.62 19.35
N VAL A 119 20.09 -22.40 18.19
CA VAL A 119 20.79 -22.25 16.91
C VAL A 119 21.70 -21.02 16.83
N GLY A 120 22.73 -21.11 16.00
CA GLY A 120 23.70 -20.02 15.83
C GLY A 120 23.34 -18.91 14.86
N PHE A 121 22.52 -19.24 13.86
CA PHE A 121 22.03 -18.25 12.90
C PHE A 121 20.50 -18.34 12.83
N PRO A 122 19.80 -17.82 13.85
CA PRO A 122 18.34 -17.77 13.79
C PRO A 122 17.83 -16.60 12.93
N VAL A 123 17.00 -16.92 11.94
CA VAL A 123 16.42 -15.93 11.05
C VAL A 123 14.89 -15.92 11.18
N ALA A 124 14.34 -14.72 11.28
CA ALA A 124 12.89 -14.53 11.22
C ALA A 124 12.55 -13.88 9.89
N VAL A 125 11.45 -14.30 9.32
CA VAL A 125 10.93 -13.68 8.13
C VAL A 125 10.14 -12.42 8.57
N ARG A 126 9.91 -11.48 7.66
CA ARG A 126 9.34 -10.17 8.03
C ARG A 126 8.04 -10.23 8.83
N ASN A 127 7.12 -11.06 8.36
CA ASN A 127 5.79 -11.27 8.95
C ASN A 127 5.81 -12.07 10.25
N ALA A 128 6.94 -12.69 10.58
CA ALA A 128 7.04 -13.52 11.77
C ALA A 128 6.52 -12.84 13.03
N VAL A 129 5.93 -13.65 13.91
CA VAL A 129 5.42 -13.23 15.21
C VAL A 129 6.56 -12.56 15.99
N GLU A 130 6.23 -11.58 16.83
CA GLU A 130 7.23 -10.79 17.56
C GLU A 130 8.18 -11.61 18.41
N GLU A 131 7.65 -12.63 19.08
CA GLU A 131 8.44 -13.49 19.96
C GLU A 131 9.55 -14.19 19.18
N VAL A 132 9.22 -14.57 17.95
CA VAL A 132 10.15 -15.18 17.00
C VAL A 132 11.15 -14.14 16.49
N ARG A 133 10.63 -13.00 16.05
CA ARG A 133 11.45 -11.89 15.59
C ARG A 133 12.45 -11.40 16.64
N LYS A 134 12.09 -11.49 17.93
CA LYS A 134 13.00 -11.04 18.99
C LYS A 134 14.19 -11.97 19.24
N VAL A 135 13.97 -13.27 19.07
CA VAL A 135 15.04 -14.28 19.19
C VAL A 135 16.02 -14.24 18.01
N ALA A 136 15.50 -13.82 16.85
CA ALA A 136 16.28 -13.75 15.60
C ALA A 136 17.42 -12.73 15.63
N VAL A 137 18.56 -13.12 15.05
CA VAL A 137 19.69 -12.21 14.86
C VAL A 137 19.61 -11.51 13.49
N TYR A 138 18.75 -12.01 12.60
CA TYR A 138 18.46 -11.35 11.32
C TYR A 138 17.01 -11.49 10.91
N ILE A 139 16.42 -10.38 10.49
CA ILE A 139 15.04 -10.37 10.03
C ILE A 139 15.03 -9.92 8.58
N THR A 140 14.42 -10.72 7.72
CA THR A 140 14.33 -10.37 6.30
C THR A 140 13.35 -9.22 6.06
N GLN A 141 13.61 -8.46 5.00
CA GLN A 141 12.65 -7.47 4.49
C GLN A 141 11.43 -8.15 3.87
N ARG A 142 11.67 -9.24 3.17
CA ARG A 142 10.65 -10.01 2.50
C ARG A 142 9.82 -10.79 3.50
N ASN A 143 8.51 -10.77 3.28
CA ASN A 143 7.53 -11.45 4.14
C ASN A 143 7.43 -12.98 3.99
N GLY A 144 8.14 -13.58 3.06
CA GLY A 144 7.99 -15.03 2.96
C GLY A 144 6.89 -15.35 2.00
N GLY A 145 7.25 -16.11 0.96
CA GLY A 145 6.50 -16.12 -0.28
C GLY A 145 6.88 -14.94 -1.15
N GLU A 146 7.61 -13.99 -0.57
CA GLU A 146 8.11 -12.81 -1.31
C GLU A 146 9.58 -12.96 -1.75
N GLY A 147 10.15 -14.13 -1.52
CA GLY A 147 11.53 -14.39 -1.88
C GLY A 147 12.49 -14.15 -0.73
N ALA A 148 12.08 -14.56 0.47
CA ALA A 148 12.88 -14.44 1.68
C ALA A 148 14.20 -15.20 1.63
N LEU A 149 14.20 -16.37 0.99
CA LEU A 149 15.37 -17.23 0.94
C LEU A 149 16.45 -16.65 0.04
N ARG A 150 16.03 -16.01 -1.05
CA ARG A 150 16.97 -15.31 -1.92
C ARG A 150 17.71 -14.23 -1.12
N GLU A 151 16.95 -13.50 -0.30
CA GLU A 151 17.51 -12.45 0.56
C GLU A 151 18.46 -13.00 1.64
N VAL A 152 18.20 -14.21 2.13
CA VAL A 152 19.12 -14.85 3.11
C VAL A 152 20.41 -15.28 2.41
N ALA A 153 20.29 -15.75 1.17
CA ALA A 153 21.43 -16.11 0.34
C ALA A 153 22.34 -14.91 0.04
N GLU A 154 21.74 -13.79 -0.36
CA GLU A 154 22.50 -12.56 -0.61
C GLU A 154 23.29 -12.12 0.63
N LEU A 155 22.65 -12.17 1.80
CA LEU A 155 23.27 -11.76 3.06
C LEU A 155 24.47 -12.62 3.41
N ILE A 156 24.30 -13.93 3.33
CA ILE A 156 25.35 -14.90 3.63
C ILE A 156 26.52 -14.75 2.63
N HIS A 157 26.20 -14.54 1.36
CA HIS A 157 27.18 -14.34 0.30
C HIS A 157 28.08 -13.14 0.59
N PHE A 158 27.47 -12.04 1.03
CA PHE A 158 28.20 -10.81 1.33
C PHE A 158 29.11 -10.95 2.55
N LEU A 159 28.58 -11.55 3.62
CA LEU A 159 29.32 -11.67 4.87
C LEU A 159 30.46 -12.73 4.82
N LYS A 160 30.40 -13.63 3.84
CA LYS A 160 31.45 -14.61 3.59
C LYS A 160 32.50 -14.14 2.60
N ALA B 1 -15.42 -3.91 29.70
CA ALA B 1 -16.60 -4.72 29.25
C ALA B 1 -16.21 -5.74 28.19
N LEU B 2 -15.11 -5.49 27.48
CA LEU B 2 -14.59 -6.45 26.49
C LEU B 2 -14.09 -7.72 27.17
N ARG B 3 -13.29 -7.55 28.21
CA ARG B 3 -12.75 -8.68 28.97
C ARG B 3 -13.86 -9.58 29.54
N ASP B 4 -14.95 -8.98 29.99
CA ASP B 4 -16.09 -9.71 30.56
C ASP B 4 -16.80 -10.54 29.51
N ARG B 5 -17.09 -9.93 28.36
CA ARG B 5 -17.63 -10.61 27.18
C ARG B 5 -16.78 -11.78 26.74
N VAL B 6 -15.46 -11.63 26.86
CA VAL B 6 -14.51 -12.64 26.44
C VAL B 6 -14.42 -13.74 27.49
N LYS B 7 -14.34 -13.35 28.76
CA LYS B 7 -14.21 -14.35 29.84
C LYS B 7 -15.41 -15.30 29.91
N LYS B 8 -16.55 -14.85 29.41
CA LYS B 8 -17.78 -15.64 29.44
C LYS B 8 -17.97 -16.50 28.18
N LEU B 9 -17.09 -16.33 27.20
CA LEU B 9 -17.19 -17.04 25.91
C LEU B 9 -16.99 -18.55 26.02
N LYS B 10 -17.98 -19.29 25.53
CA LYS B 10 -17.95 -20.76 25.55
C LYS B 10 -18.00 -21.36 24.16
N LEU B 11 -18.65 -20.65 23.25
CA LEU B 11 -18.81 -21.09 21.86
C LEU B 11 -18.55 -19.94 20.84
N LEU B 12 -17.59 -20.17 19.96
CA LEU B 12 -17.31 -19.21 18.88
C LEU B 12 -17.81 -19.69 17.51
N ILE B 13 -18.76 -18.97 16.95
CA ILE B 13 -19.30 -19.27 15.64
C ILE B 13 -18.53 -18.46 14.61
N ASP B 15 -18.12 -17.34 10.41
CA ASP B 15 -18.41 -17.30 9.01
C ASP B 15 -17.15 -17.82 8.31
N ILE B 16 -17.30 -18.17 7.04
CA ILE B 16 -16.19 -18.67 6.25
C ILE B 16 -15.68 -17.66 5.22
N ASP B 17 -16.53 -17.28 4.28
CA ASP B 17 -16.13 -16.43 3.15
C ASP B 17 -15.98 -14.99 3.58
N GLY B 18 -14.74 -14.50 3.52
CA GLY B 18 -14.38 -13.17 4.00
C GLY B 18 -13.86 -13.17 5.43
N VAL B 19 -13.91 -14.33 6.10
CA VAL B 19 -13.47 -14.45 7.50
C VAL B 19 -12.25 -15.38 7.62
N LEU B 20 -12.42 -16.63 7.18
CA LEU B 20 -11.32 -17.57 7.04
C LEU B 20 -10.74 -17.54 5.62
N THR B 21 -11.37 -16.74 4.77
CA THR B 21 -11.00 -16.57 3.37
C THR B 21 -10.92 -15.08 3.03
N ASP B 22 -10.21 -14.73 1.96
CA ASP B 22 -10.14 -13.35 1.47
C ASP B 22 -11.31 -12.98 0.54
N GLY B 23 -12.34 -13.82 0.49
CA GLY B 23 -13.53 -13.55 -0.31
C GLY B 23 -13.50 -14.09 -1.74
N LYS B 24 -12.33 -14.58 -2.18
CA LYS B 24 -12.18 -15.17 -3.50
C LYS B 24 -12.81 -16.56 -3.61
N LEU B 25 -13.46 -16.84 -4.73
CA LEU B 25 -14.05 -18.16 -4.97
C LEU B 25 -13.37 -18.83 -6.15
N TYR B 26 -12.80 -20.00 -5.92
CA TYR B 26 -12.06 -20.71 -6.94
C TYR B 26 -12.95 -21.77 -7.60
N TYR B 27 -13.17 -21.57 -8.89
CA TYR B 27 -14.11 -22.39 -9.65
C TYR B 27 -13.41 -23.21 -10.72
N THR B 28 -13.86 -24.44 -10.88
CA THR B 28 -13.59 -25.20 -12.11
C THR B 28 -14.96 -25.55 -12.70
N GLU B 29 -14.99 -26.48 -13.64
CA GLU B 29 -16.20 -26.92 -14.34
C GLU B 29 -17.33 -27.32 -13.38
N HIS B 30 -16.97 -28.03 -12.30
CA HIS B 30 -17.98 -28.55 -11.37
C HIS B 30 -18.16 -27.75 -10.07
N GLY B 31 -17.99 -26.43 -10.17
CA GLY B 31 -18.23 -25.53 -9.04
C GLY B 31 -17.02 -25.13 -8.26
N GLU B 32 -17.26 -24.64 -7.04
CA GLU B 32 -16.18 -24.24 -6.14
C GLU B 32 -15.40 -25.48 -5.68
N THR B 33 -14.27 -25.71 -6.33
CA THR B 33 -13.54 -26.97 -6.25
C THR B 33 -12.26 -26.79 -5.40
N ILE B 34 -11.87 -25.53 -5.25
CA ILE B 34 -10.71 -25.14 -4.49
C ILE B 34 -11.15 -24.06 -3.48
N LYS B 35 -10.63 -24.14 -2.26
CA LYS B 35 -10.79 -23.09 -1.26
C LYS B 35 -9.45 -22.82 -0.59
N VAL B 36 -9.10 -21.54 -0.48
CA VAL B 36 -7.84 -21.15 0.10
C VAL B 36 -8.04 -20.63 1.51
N PHE B 37 -7.28 -21.22 2.44
CA PHE B 37 -7.34 -20.90 3.86
C PHE B 37 -6.00 -20.29 4.31
N ASN B 38 -5.90 -19.90 5.58
CA ASN B 38 -4.68 -19.36 6.14
C ASN B 38 -4.16 -20.26 7.25
N VAL B 39 -2.85 -20.53 7.22
CA VAL B 39 -2.19 -21.44 8.20
C VAL B 39 -2.32 -20.98 9.67
N LEU B 40 -2.24 -19.67 9.91
CA LEU B 40 -2.32 -19.09 11.25
C LEU B 40 -3.71 -19.27 11.87
N ASP B 41 -4.73 -19.25 11.03
CA ASP B 41 -6.11 -19.49 11.47
C ASP B 41 -6.29 -20.93 11.98
N GLY B 42 -5.56 -21.86 11.37
CA GLY B 42 -5.56 -23.27 11.79
C GLY B 42 -4.92 -23.47 13.16
N ILE B 43 -3.86 -22.73 13.45
CA ILE B 43 -3.26 -22.76 14.79
C ILE B 43 -4.20 -22.09 15.82
N GLY B 44 -4.85 -21.00 15.41
CA GLY B 44 -5.85 -20.30 16.22
C GLY B 44 -7.03 -21.18 16.61
N ILE B 45 -7.56 -21.93 15.62
CA ILE B 45 -8.64 -22.90 15.83
C ILE B 45 -8.28 -23.96 16.89
N LYS B 46 -7.11 -24.58 16.75
CA LYS B 46 -6.61 -25.55 17.73
C LYS B 46 -6.35 -24.91 19.10
N LEU B 47 -5.88 -23.67 19.13
CA LEU B 47 -5.68 -22.95 20.38
C LEU B 47 -7.02 -22.70 21.10
N LEU B 48 -8.06 -22.42 20.33
CA LEU B 48 -9.40 -22.15 20.88
C LEU B 48 -10.07 -23.41 21.45
N GLN B 49 -9.95 -24.51 20.71
CA GLN B 49 -10.36 -25.83 21.17
C GLN B 49 -9.60 -26.32 22.42
N LYS B 50 -8.29 -26.05 22.47
CA LYS B 50 -7.49 -26.38 23.66
C LYS B 50 -7.96 -25.65 24.93
N GLY B 52 -11.01 -24.84 25.64
CA GLY B 52 -12.35 -25.26 26.01
C GLY B 52 -13.50 -24.56 25.30
N ILE B 53 -13.18 -23.85 24.23
CA ILE B 53 -14.22 -23.21 23.41
C ILE B 53 -14.62 -24.09 22.23
N THR B 54 -15.90 -24.42 22.16
CA THR B 54 -16.49 -25.06 21.00
C THR B 54 -16.58 -24.11 19.83
N LEU B 55 -16.14 -24.59 18.67
CA LEU B 55 -16.17 -23.84 17.42
C LEU B 55 -17.30 -24.31 16.50
N ALA B 56 -18.10 -23.36 16.04
CA ALA B 56 -19.14 -23.67 15.09
C ALA B 56 -18.96 -22.89 13.80
N VAL B 57 -19.52 -23.43 12.73
CA VAL B 57 -19.48 -22.78 11.42
C VAL B 57 -20.89 -22.62 10.86
N ILE B 58 -21.23 -21.39 10.47
CA ILE B 58 -22.42 -21.13 9.66
C ILE B 58 -21.99 -20.42 8.37
N SER B 59 -22.05 -21.16 7.28
CA SER B 59 -21.68 -20.67 5.97
C SER B 59 -22.83 -20.90 5.00
N GLY B 60 -23.21 -19.84 4.29
CA GLY B 60 -24.22 -19.90 3.23
C GLY B 60 -23.82 -20.81 2.08
N ARG B 61 -22.52 -20.96 1.85
CA ARG B 61 -22.00 -21.81 0.79
C ARG B 61 -21.64 -23.20 1.31
N ASP B 62 -21.77 -24.21 0.46
CA ASP B 62 -21.19 -25.52 0.75
C ASP B 62 -20.03 -25.84 -0.21
N SER B 63 -19.07 -26.64 0.29
CA SER B 63 -17.85 -26.98 -0.46
C SER B 63 -17.19 -28.22 0.12
N ALA B 64 -16.75 -29.12 -0.77
CA ALA B 64 -16.03 -30.32 -0.34
C ALA B 64 -14.67 -29.99 0.34
N PRO B 65 -13.87 -29.08 -0.25
CA PRO B 65 -12.62 -28.61 0.41
C PRO B 65 -12.84 -27.97 1.80
N LEU B 66 -13.92 -27.21 1.94
CA LEU B 66 -14.32 -26.65 3.24
C LEU B 66 -14.59 -27.74 4.28
N ILE B 67 -15.45 -28.70 3.93
CA ILE B 67 -15.78 -29.80 4.83
C ILE B 67 -14.54 -30.56 5.23
N THR B 68 -13.72 -30.92 4.24
CA THR B 68 -12.41 -31.54 4.45
C THR B 68 -11.52 -30.75 5.41
N ARG B 69 -11.43 -29.44 5.19
CA ARG B 69 -10.62 -28.55 6.02
C ARG B 69 -11.15 -28.49 7.45
N LEU B 70 -12.46 -28.32 7.58
CA LEU B 70 -13.14 -28.30 8.88
C LEU B 70 -12.98 -29.59 9.68
N LYS B 71 -13.18 -30.73 9.01
CA LYS B 71 -13.00 -32.05 9.63
C LYS B 71 -11.56 -32.29 10.10
N GLU B 72 -10.60 -31.85 9.28
CA GLU B 72 -9.18 -31.96 9.62
C GLU B 72 -8.82 -31.20 10.90
N LEU B 73 -9.46 -30.05 11.08
CA LEU B 73 -9.26 -29.20 12.25
C LEU B 73 -10.11 -29.65 13.44
N GLY B 74 -10.89 -30.70 13.23
CA GLY B 74 -11.77 -31.25 14.25
C GLY B 74 -12.90 -30.29 14.53
N VAL B 75 -13.43 -29.67 13.53
CA VAL B 75 -14.55 -28.79 13.74
C VAL B 75 -15.84 -29.53 13.41
N GLU B 76 -16.37 -30.27 14.24
CA GLU B 76 -17.58 -30.05 15.02
C GLU B 76 -18.76 -29.69 14.13
N GLU B 77 -19.25 -28.48 14.50
CA GLU B 77 -20.58 -28.05 14.34
C GLU B 77 -20.74 -27.19 13.09
N ILE B 78 -21.07 -27.85 12.01
CA ILE B 78 -21.00 -27.28 10.67
C ILE B 78 -22.36 -27.12 9.99
N TYR B 79 -22.69 -25.88 9.68
CA TYR B 79 -23.87 -25.59 8.91
C TYR B 79 -23.46 -24.90 7.61
N THR B 80 -23.66 -25.61 6.50
CA THR B 80 -23.40 -25.08 5.17
C THR B 80 -24.67 -25.15 4.33
N GLY B 81 -24.78 -24.26 3.33
CA GLY B 81 -25.90 -24.30 2.39
C GLY B 81 -26.95 -23.24 2.59
N SER B 82 -27.26 -22.94 3.85
CA SER B 82 -28.33 -22.01 4.21
C SER B 82 -27.80 -20.65 4.69
N TYR B 83 -28.45 -19.57 4.22
CA TYR B 83 -28.16 -18.20 4.66
C TYR B 83 -29.07 -17.77 5.81
N LYS B 84 -29.88 -18.70 6.30
CA LYS B 84 -30.75 -18.49 7.45
C LYS B 84 -29.96 -18.59 8.76
N LYS B 85 -29.15 -17.56 9.03
CA LYS B 85 -28.16 -17.63 10.09
C LYS B 85 -28.76 -17.58 11.49
N LEU B 86 -29.75 -16.70 11.66
CA LEU B 86 -30.44 -16.53 12.95
C LEU B 86 -31.18 -17.79 13.39
N GLU B 87 -31.82 -18.47 12.44
CA GLU B 87 -32.55 -19.70 12.75
C GLU B 87 -31.59 -20.86 13.08
N ILE B 88 -30.44 -20.87 12.41
CA ILE B 88 -29.40 -21.84 12.69
C ILE B 88 -28.73 -21.57 14.07
N TYR B 89 -28.40 -20.31 14.30
CA TYR B 89 -27.89 -19.84 15.58
C TYR B 89 -28.73 -20.35 16.77
N GLU B 90 -30.05 -20.21 16.66
CA GLU B 90 -30.99 -20.66 17.68
C GLU B 90 -31.02 -22.17 17.86
N LYS B 91 -30.74 -22.92 16.79
CA LYS B 91 -30.53 -24.38 16.90
C LYS B 91 -29.27 -24.70 17.71
N ILE B 92 -28.21 -23.92 17.50
CA ILE B 92 -26.95 -24.10 18.21
C ILE B 92 -27.15 -23.82 19.71
N LYS B 93 -27.76 -22.67 20.02
CA LYS B 93 -28.14 -22.31 21.39
C LYS B 93 -28.90 -23.43 22.13
N GLU B 94 -29.90 -23.98 21.43
CA GLU B 94 -30.82 -24.97 21.98
C GLU B 94 -30.14 -26.28 22.32
N LYS B 95 -29.25 -26.73 21.44
CA LYS B 95 -28.62 -28.04 21.59
C LYS B 95 -27.40 -28.00 22.54
N TYR B 96 -26.76 -26.84 22.64
CA TYR B 96 -25.67 -26.66 23.59
C TYR B 96 -26.15 -26.03 24.92
N SER B 97 -27.45 -25.74 24.98
CA SER B 97 -28.08 -25.16 26.17
C SER B 97 -27.36 -23.89 26.60
N LEU B 98 -27.08 -23.00 25.63
CA LEU B 98 -26.30 -21.79 25.90
C LEU B 98 -27.09 -20.48 25.82
N LYS B 99 -26.69 -19.51 26.63
CA LYS B 99 -27.19 -18.13 26.53
C LYS B 99 -26.51 -17.39 25.39
N ASP B 100 -27.11 -16.27 25.00
CA ASP B 100 -26.54 -15.35 24.02
C ASP B 100 -25.16 -14.82 24.44
N GLU B 101 -25.06 -14.40 25.71
CA GLU B 101 -23.83 -13.79 26.25
C GLU B 101 -22.59 -14.71 26.27
N GLU B 102 -22.80 -16.03 26.29
CA GLU B 102 -21.68 -16.98 26.26
C GLU B 102 -21.33 -17.47 24.86
N ILE B 103 -21.88 -16.79 23.85
CA ILE B 103 -21.62 -17.14 22.46
C ILE B 103 -20.94 -16.00 21.73
N GLY B 104 -20.02 -16.35 20.84
CA GLY B 104 -19.36 -15.38 19.95
C GLY B 104 -19.73 -15.61 18.50
N PHE B 105 -19.51 -14.61 17.67
CA PHE B 105 -19.69 -14.74 16.23
C PHE B 105 -18.71 -13.85 15.49
N ILE B 106 -17.98 -14.42 14.55
CA ILE B 106 -17.11 -13.64 13.67
C ILE B 106 -17.66 -13.55 12.23
N GLY B 107 -18.05 -12.33 11.85
CA GLY B 107 -18.78 -12.14 10.61
C GLY B 107 -18.08 -11.25 9.62
N ASP B 108 -18.65 -11.17 8.43
CA ASP B 108 -18.11 -10.38 7.34
C ASP B 108 -19.18 -9.55 6.61
N ASP B 109 -20.31 -10.17 6.31
CA ASP B 109 -21.32 -9.53 5.46
C ASP B 109 -22.64 -9.27 6.18
N VAL B 110 -23.49 -8.47 5.53
CA VAL B 110 -24.83 -8.09 6.03
C VAL B 110 -25.64 -9.26 6.60
N VAL B 111 -25.45 -10.45 6.02
CA VAL B 111 -26.13 -11.67 6.44
C VAL B 111 -26.04 -11.96 7.95
N ASP B 112 -24.92 -11.56 8.56
CA ASP B 112 -24.59 -11.90 9.95
C ASP B 112 -25.08 -10.88 10.99
N ILE B 113 -25.55 -9.71 10.54
CA ILE B 113 -25.91 -8.59 11.45
C ILE B 113 -26.87 -8.97 12.60
N GLU B 114 -27.85 -9.81 12.32
CA GLU B 114 -28.88 -10.11 13.33
C GLU B 114 -28.43 -11.14 14.36
N VAL B 115 -27.50 -12.01 13.97
CA VAL B 115 -26.87 -12.94 14.91
C VAL B 115 -25.93 -12.18 15.86
N LYS B 117 -26.16 -9.13 16.78
CA LYS B 117 -26.96 -8.24 17.61
C LYS B 117 -27.45 -8.91 18.89
N LYS B 118 -27.48 -10.24 18.90
CA LYS B 118 -27.86 -10.99 20.10
C LYS B 118 -26.65 -11.49 20.88
N VAL B 119 -25.63 -11.90 20.11
CA VAL B 119 -24.42 -12.53 20.62
C VAL B 119 -23.59 -11.66 21.56
N GLY B 120 -23.05 -12.30 22.59
CA GLY B 120 -22.21 -11.64 23.60
C GLY B 120 -20.85 -11.21 23.09
N PHE B 121 -20.27 -12.00 22.18
CA PHE B 121 -18.99 -11.67 21.57
C PHE B 121 -19.06 -11.53 20.04
N PRO B 122 -19.62 -10.40 19.55
CA PRO B 122 -19.70 -10.20 18.11
C PRO B 122 -18.40 -9.62 17.56
N VAL B 123 -17.81 -10.29 16.58
CA VAL B 123 -16.54 -9.86 16.01
C VAL B 123 -16.67 -9.62 14.51
N ALA B 124 -16.21 -8.44 14.09
CA ALA B 124 -16.15 -8.09 12.69
C ALA B 124 -14.71 -8.18 12.22
N VAL B 125 -14.53 -8.74 11.03
CA VAL B 125 -13.24 -8.76 10.38
C VAL B 125 -12.94 -7.33 9.84
N ARG B 126 -11.68 -7.00 9.55
CA ARG B 126 -11.29 -5.64 9.13
C ARG B 126 -12.00 -5.17 7.86
N ASN B 127 -12.16 -6.10 6.91
CA ASN B 127 -12.72 -5.83 5.58
C ASN B 127 -14.23 -5.96 5.56
N ALA B 128 -14.82 -6.12 6.74
CA ALA B 128 -16.25 -6.22 6.87
C ALA B 128 -16.90 -4.87 6.60
N VAL B 129 -18.16 -4.90 6.15
CA VAL B 129 -18.94 -3.68 5.89
C VAL B 129 -19.15 -2.88 7.17
N GLU B 130 -19.37 -1.57 6.99
CA GLU B 130 -19.63 -0.64 8.11
C GLU B 130 -20.75 -1.14 9.02
N GLU B 131 -21.70 -1.86 8.42
CA GLU B 131 -22.91 -2.33 9.09
C GLU B 131 -22.66 -3.42 10.12
N VAL B 132 -21.69 -4.30 9.85
CA VAL B 132 -21.32 -5.31 10.84
C VAL B 132 -20.22 -4.82 11.80
N ARG B 133 -19.39 -3.88 11.35
CA ARG B 133 -18.36 -3.30 12.23
C ARG B 133 -18.98 -2.44 13.33
N LYS B 134 -20.11 -1.80 13.06
CA LYS B 134 -20.79 -1.01 14.09
C LYS B 134 -21.41 -1.91 15.15
N VAL B 135 -21.86 -3.09 14.72
CA VAL B 135 -22.47 -4.09 15.58
C VAL B 135 -21.43 -4.94 16.34
N ALA B 136 -20.15 -4.77 16.00
CA ALA B 136 -19.09 -5.55 16.60
C ALA B 136 -18.52 -4.92 17.86
N VAL B 137 -18.11 -5.77 18.78
CA VAL B 137 -17.48 -5.35 20.02
C VAL B 137 -15.96 -5.36 19.84
N TYR B 138 -15.48 -6.18 18.92
CA TYR B 138 -14.08 -6.20 18.52
C TYR B 138 -13.98 -6.30 17.00
N ILE B 139 -13.08 -5.51 16.45
CA ILE B 139 -12.81 -5.54 15.03
C ILE B 139 -11.34 -5.93 14.87
N THR B 140 -11.09 -6.94 14.05
CA THR B 140 -9.73 -7.39 13.85
C THR B 140 -8.99 -6.41 12.97
N GLN B 141 -7.67 -6.30 13.16
CA GLN B 141 -6.89 -5.47 12.27
C GLN B 141 -6.50 -6.20 10.99
N ARG B 142 -6.50 -7.53 11.05
CA ARG B 142 -6.22 -8.37 9.87
C ARG B 142 -7.49 -8.68 9.10
N ASN B 143 -7.39 -8.67 7.78
CA ASN B 143 -8.53 -8.99 6.93
C ASN B 143 -8.78 -10.50 6.94
N GLY B 144 -9.95 -10.90 6.48
CA GLY B 144 -10.26 -12.33 6.30
C GLY B 144 -9.28 -12.99 5.35
N GLY B 145 -8.82 -14.17 5.76
CA GLY B 145 -7.79 -14.90 5.01
C GLY B 145 -6.35 -14.48 5.30
N GLU B 146 -6.17 -13.53 6.22
CA GLU B 146 -4.82 -13.07 6.60
C GLU B 146 -4.40 -13.50 8.00
N GLY B 147 -5.20 -14.35 8.62
CA GLY B 147 -4.98 -14.74 10.01
C GLY B 147 -5.85 -13.96 10.99
N ALA B 148 -7.01 -13.50 10.53
CA ALA B 148 -8.00 -12.83 11.37
C ALA B 148 -8.46 -13.65 12.58
N LEU B 149 -8.62 -14.96 12.40
CA LEU B 149 -9.01 -15.88 13.47
C LEU B 149 -7.91 -16.12 14.50
N ARG B 150 -6.67 -16.24 14.04
CA ARG B 150 -5.51 -16.33 14.93
C ARG B 150 -5.47 -15.14 15.88
N GLU B 151 -5.73 -13.95 15.34
CA GLU B 151 -5.83 -12.71 16.10
C GLU B 151 -6.89 -12.80 17.21
N VAL B 152 -8.09 -13.29 16.88
CA VAL B 152 -9.19 -13.41 17.87
C VAL B 152 -8.86 -14.43 18.97
N ALA B 153 -8.27 -15.56 18.57
CA ALA B 153 -7.76 -16.57 19.51
C ALA B 153 -6.78 -16.00 20.54
N GLU B 154 -5.87 -15.13 20.09
CA GLU B 154 -4.82 -14.56 20.96
C GLU B 154 -5.37 -13.50 21.90
N LEU B 155 -6.39 -12.77 21.43
CA LEU B 155 -7.16 -11.86 22.27
C LEU B 155 -7.89 -12.65 23.36
N ILE B 156 -8.45 -13.80 22.97
CA ILE B 156 -9.19 -14.66 23.88
C ILE B 156 -8.26 -15.27 24.91
N HIS B 157 -7.10 -15.77 24.46
CA HIS B 157 -6.06 -16.28 25.36
C HIS B 157 -5.66 -15.28 26.43
N PHE B 158 -5.29 -14.07 26.03
CA PHE B 158 -4.93 -13.04 26.98
C PHE B 158 -6.05 -12.72 27.99
N LEU B 159 -7.24 -12.38 27.52
CA LEU B 159 -8.31 -11.86 28.36
C LEU B 159 -8.88 -12.95 29.27
N LYS B 160 -8.97 -14.17 28.86
CA LYS B 160 -9.38 -15.30 29.70
C LYS B 160 -8.43 -15.51 30.89
N ASN B 161 -7.14 -15.33 30.65
CA ASN B 161 -6.11 -15.57 31.66
C ASN B 161 -5.71 -14.32 32.42
N ASP B 162 -6.15 -13.17 31.92
CA ASP B 162 -5.99 -11.90 32.63
C ASP B 162 -6.94 -11.83 33.82
N ALA C 1 -29.84 14.05 -12.20
CA ALA C 1 -28.52 13.49 -12.65
C ALA C 1 -28.06 12.37 -11.72
N LEU C 2 -27.60 11.28 -12.33
CA LEU C 2 -27.24 10.03 -11.63
C LEU C 2 -28.41 9.31 -10.96
N ARG C 3 -29.21 10.04 -10.16
CA ARG C 3 -30.44 9.47 -9.58
C ARG C 3 -31.42 9.04 -10.70
N ASP C 4 -31.58 9.90 -11.69
CA ASP C 4 -32.53 9.68 -12.78
C ASP C 4 -32.03 8.70 -13.83
N ARG C 5 -30.71 8.72 -14.07
CA ARG C 5 -30.06 7.76 -14.96
C ARG C 5 -30.30 6.33 -14.51
N VAL C 6 -30.29 6.12 -13.20
CA VAL C 6 -30.36 4.80 -12.57
C VAL C 6 -31.81 4.36 -12.34
N LYS C 7 -32.72 5.33 -12.20
CA LYS C 7 -34.15 5.02 -12.13
C LYS C 7 -34.69 4.46 -13.45
N LYS C 8 -34.07 4.85 -14.57
CA LYS C 8 -34.44 4.33 -15.88
C LYS C 8 -33.93 2.91 -16.18
N LEU C 9 -33.08 2.39 -15.30
CA LEU C 9 -32.37 1.13 -15.53
C LEU C 9 -33.20 -0.13 -15.32
N LYS C 10 -33.21 -1.00 -16.34
CA LYS C 10 -33.91 -2.29 -16.31
C LYS C 10 -32.96 -3.47 -16.58
N LEU C 11 -31.80 -3.19 -17.15
CA LEU C 11 -30.80 -4.21 -17.51
C LEU C 11 -29.37 -3.69 -17.37
N LEU C 12 -28.52 -4.51 -16.77
CA LEU C 12 -27.11 -4.23 -16.68
C LEU C 12 -26.27 -5.26 -17.43
N ILE C 13 -25.41 -4.79 -18.33
CA ILE C 13 -24.47 -5.67 -19.03
C ILE C 13 -23.11 -5.56 -18.38
N ASP C 15 -18.82 -7.17 -18.49
CA ASP C 15 -17.73 -8.03 -18.93
C ASP C 15 -17.35 -8.90 -17.74
N ILE C 16 -16.52 -9.90 -18.01
CA ILE C 16 -16.06 -10.81 -16.98
C ILE C 16 -14.65 -10.44 -16.55
N ASP C 17 -13.69 -10.61 -17.46
CA ASP C 17 -12.28 -10.41 -17.17
C ASP C 17 -12.00 -8.94 -16.91
N GLY C 18 -11.56 -8.66 -15.68
CA GLY C 18 -11.29 -7.29 -15.28
C GLY C 18 -12.44 -6.61 -14.57
N VAL C 19 -13.62 -7.25 -14.60
CA VAL C 19 -14.82 -6.73 -13.95
C VAL C 19 -15.30 -7.68 -12.83
N LEU C 20 -15.55 -8.95 -13.17
CA LEU C 20 -15.86 -9.99 -12.18
C LEU C 20 -14.62 -10.70 -11.69
N THR C 21 -13.50 -10.47 -12.37
CA THR C 21 -12.21 -11.04 -12.01
C THR C 21 -11.19 -9.91 -11.94
N ASP C 22 -10.05 -10.21 -11.31
CA ASP C 22 -8.94 -9.26 -11.28
C ASP C 22 -8.14 -9.20 -12.60
N GLY C 23 -8.53 -9.98 -13.61
CA GLY C 23 -7.84 -9.97 -14.90
C GLY C 23 -6.81 -11.07 -15.08
N LYS C 24 -6.60 -11.85 -14.03
CA LYS C 24 -5.72 -13.01 -14.10
C LYS C 24 -6.37 -14.20 -14.83
N LEU C 25 -5.56 -15.00 -15.51
CA LEU C 25 -6.02 -16.20 -16.20
C LEU C 25 -5.25 -17.40 -15.69
N TYR C 26 -5.96 -18.29 -15.00
CA TYR C 26 -5.38 -19.50 -14.40
C TYR C 26 -5.37 -20.65 -15.40
N TYR C 27 -4.16 -20.98 -15.89
CA TYR C 27 -4.00 -22.01 -16.93
C TYR C 27 -3.55 -23.34 -16.39
N THR C 28 -4.22 -24.37 -16.90
CA THR C 28 -3.87 -25.77 -16.73
C THR C 28 -3.26 -26.29 -18.05
N GLU C 29 -2.94 -27.58 -18.13
CA GLU C 29 -2.44 -28.15 -19.38
C GLU C 29 -3.41 -27.93 -20.55
N HIS C 30 -4.71 -27.94 -20.26
CA HIS C 30 -5.74 -27.83 -21.29
C HIS C 30 -6.45 -26.46 -21.29
N GLY C 31 -5.70 -25.41 -21.00
CA GLY C 31 -6.19 -24.02 -21.09
C GLY C 31 -6.74 -23.48 -19.80
N GLU C 32 -7.61 -22.47 -19.91
CA GLU C 32 -8.15 -21.76 -18.76
C GLU C 32 -9.22 -22.57 -18.05
N THR C 33 -8.75 -23.35 -17.08
CA THR C 33 -9.54 -24.37 -16.41
C THR C 33 -10.05 -23.87 -15.05
N ILE C 34 -9.36 -22.87 -14.49
CA ILE C 34 -9.73 -22.30 -13.20
C ILE C 34 -10.11 -20.83 -13.37
N LYS C 35 -11.20 -20.44 -12.73
CA LYS C 35 -11.65 -19.06 -12.75
C LYS C 35 -12.05 -18.58 -11.36
N VAL C 36 -11.45 -17.47 -10.93
CA VAL C 36 -11.60 -16.98 -9.57
C VAL C 36 -12.54 -15.78 -9.50
N PHE C 37 -13.57 -15.88 -8.66
CA PHE C 37 -14.57 -14.82 -8.49
C PHE C 37 -14.55 -14.23 -7.08
N ASN C 38 -15.44 -13.28 -6.82
CA ASN C 38 -15.56 -12.64 -5.53
C ASN C 38 -16.94 -12.87 -4.91
N VAL C 39 -16.95 -13.33 -3.67
CA VAL C 39 -18.20 -13.64 -2.94
C VAL C 39 -19.15 -12.43 -2.79
N LEU C 40 -18.59 -11.23 -2.75
CA LEU C 40 -19.38 -9.99 -2.70
C LEU C 40 -20.15 -9.74 -4.00
N ASP C 41 -19.57 -10.14 -5.12
CA ASP C 41 -20.21 -9.98 -6.42
C ASP C 41 -21.43 -10.88 -6.62
N GLY C 42 -21.36 -12.10 -6.08
CA GLY C 42 -22.51 -13.01 -6.06
C GLY C 42 -23.72 -12.49 -5.30
N ILE C 43 -23.48 -11.77 -4.19
CA ILE C 43 -24.54 -11.17 -3.39
C ILE C 43 -25.14 -9.96 -4.12
N GLY C 44 -24.27 -9.12 -4.69
CA GLY C 44 -24.67 -7.98 -5.50
C GLY C 44 -25.45 -8.34 -6.75
N ILE C 45 -25.10 -9.46 -7.38
CA ILE C 45 -25.79 -10.01 -8.55
C ILE C 45 -27.24 -10.40 -8.24
N LYS C 46 -27.45 -11.07 -7.10
CA LYS C 46 -28.77 -11.51 -6.67
C LYS C 46 -29.62 -10.34 -6.20
N LEU C 47 -28.96 -9.32 -5.63
CA LEU C 47 -29.59 -8.08 -5.21
C LEU C 47 -30.16 -7.31 -6.41
N LEU C 48 -29.38 -7.24 -7.50
CA LEU C 48 -29.80 -6.59 -8.75
C LEU C 48 -30.96 -7.31 -9.45
N GLN C 49 -30.92 -8.65 -9.43
CA GLN C 49 -32.03 -9.50 -9.90
C GLN C 49 -33.31 -9.31 -9.10
N LYS C 50 -33.16 -9.19 -7.78
CA LYS C 50 -34.29 -8.95 -6.88
C LYS C 50 -34.93 -7.58 -7.10
N GLY C 52 -35.21 -6.09 -9.94
CA GLY C 52 -35.79 -6.01 -11.29
C GLY C 52 -34.83 -5.61 -12.41
N ILE C 53 -33.54 -5.82 -12.16
CA ILE C 53 -32.50 -5.46 -13.12
C ILE C 53 -31.92 -6.74 -13.69
N THR C 54 -32.22 -6.97 -14.95
CA THR C 54 -31.72 -8.11 -15.69
C THR C 54 -30.22 -7.95 -15.89
N LEU C 55 -29.52 -9.07 -15.76
CA LEU C 55 -28.08 -9.11 -15.96
C LEU C 55 -27.73 -9.79 -17.27
N ALA C 56 -26.80 -9.18 -17.99
CA ALA C 56 -26.27 -9.77 -19.21
C ALA C 56 -24.75 -9.81 -19.19
N VAL C 57 -24.18 -10.78 -19.89
CA VAL C 57 -22.75 -10.92 -20.00
C VAL C 57 -22.37 -10.93 -21.48
N ILE C 58 -21.39 -10.08 -21.83
CA ILE C 58 -20.72 -10.14 -23.12
C ILE C 58 -19.22 -10.21 -22.88
N SER C 59 -18.62 -11.32 -23.32
CA SER C 59 -17.22 -11.60 -23.07
C SER C 59 -16.69 -12.58 -24.13
N GLY C 60 -15.54 -12.24 -24.71
CA GLY C 60 -14.88 -13.09 -25.71
C GLY C 60 -14.36 -14.41 -25.18
N ARG C 61 -14.00 -14.44 -23.91
CA ARG C 61 -13.54 -15.64 -23.26
C ARG C 61 -14.70 -16.36 -22.66
N ASP C 62 -14.85 -17.63 -23.03
CA ASP C 62 -15.76 -18.52 -22.37
C ASP C 62 -14.94 -19.54 -21.57
N SER C 63 -15.50 -20.00 -20.46
CA SER C 63 -14.82 -20.94 -19.57
C SER C 63 -15.90 -21.82 -18.94
N ALA C 64 -15.60 -23.10 -18.74
CA ALA C 64 -16.50 -24.00 -18.02
C ALA C 64 -16.80 -23.51 -16.60
N PRO C 65 -15.76 -23.17 -15.81
CA PRO C 65 -15.98 -22.49 -14.53
C PRO C 65 -16.83 -21.21 -14.60
N LEU C 66 -16.70 -20.43 -15.67
CA LEU C 66 -17.53 -19.23 -15.85
C LEU C 66 -19.01 -19.61 -16.03
N ILE C 67 -19.26 -20.58 -16.91
CA ILE C 67 -20.60 -21.11 -17.14
C ILE C 67 -21.27 -21.60 -15.84
N THR C 68 -20.52 -22.32 -15.02
CA THR C 68 -21.03 -22.88 -13.76
C THR C 68 -21.37 -21.78 -12.74
N ARG C 69 -20.51 -20.78 -12.64
CA ARG C 69 -20.71 -19.64 -11.75
C ARG C 69 -21.94 -18.83 -12.15
N LEU C 70 -22.01 -18.44 -13.43
CA LEU C 70 -23.16 -17.68 -13.94
C LEU C 70 -24.51 -18.40 -13.81
N LYS C 71 -24.55 -19.68 -14.19
CA LYS C 71 -25.76 -20.51 -14.01
C LYS C 71 -26.22 -20.58 -12.54
N GLU C 72 -25.26 -20.78 -11.64
CA GLU C 72 -25.51 -20.81 -10.20
C GLU C 72 -26.07 -19.50 -9.69
N LEU C 73 -25.71 -18.39 -10.32
CA LEU C 73 -26.23 -17.08 -9.92
C LEU C 73 -27.49 -16.66 -10.69
N GLY C 74 -27.96 -17.52 -11.59
CA GLY C 74 -29.16 -17.28 -12.38
C GLY C 74 -28.98 -16.26 -13.49
N VAL C 75 -27.73 -16.00 -13.86
CA VAL C 75 -27.44 -15.14 -15.01
C VAL C 75 -27.60 -16.01 -16.25
N GLU C 76 -28.68 -15.78 -16.98
CA GLU C 76 -29.06 -16.61 -18.12
C GLU C 76 -28.72 -15.95 -19.45
N GLU C 77 -28.54 -14.63 -19.42
CA GLU C 77 -28.26 -13.87 -20.62
C GLU C 77 -26.75 -13.74 -20.83
N ILE C 78 -26.20 -14.66 -21.61
CA ILE C 78 -24.76 -14.82 -21.75
C ILE C 78 -24.32 -14.90 -23.22
N TYR C 79 -23.48 -13.96 -23.63
CA TYR C 79 -22.99 -13.92 -25.00
C TYR C 79 -21.49 -14.03 -25.01
N THR C 80 -21.01 -15.24 -25.25
CA THR C 80 -19.59 -15.49 -25.38
C THR C 80 -19.21 -15.75 -26.85
N GLY C 81 -17.92 -15.57 -27.14
CA GLY C 81 -17.41 -15.74 -28.51
C GLY C 81 -16.80 -14.45 -29.02
N SER C 82 -16.21 -14.51 -30.20
CA SER C 82 -15.60 -13.34 -30.80
C SER C 82 -16.64 -12.45 -31.51
N TYR C 83 -17.35 -11.65 -30.71
CA TYR C 83 -18.31 -10.67 -31.25
C TYR C 83 -17.85 -9.24 -30.97
N LYS C 84 -18.20 -8.35 -31.90
CA LYS C 84 -18.18 -6.92 -31.62
C LYS C 84 -19.28 -6.64 -30.60
N LYS C 85 -18.92 -5.91 -29.54
CA LYS C 85 -19.84 -5.60 -28.46
C LYS C 85 -21.17 -4.98 -28.91
N LEU C 86 -21.12 -4.10 -29.92
CA LEU C 86 -22.31 -3.40 -30.39
C LEU C 86 -23.31 -4.31 -31.08
N GLU C 87 -22.81 -5.33 -31.78
CA GLU C 87 -23.64 -6.33 -32.42
C GLU C 87 -24.55 -7.02 -31.39
N ILE C 88 -23.95 -7.45 -30.28
CA ILE C 88 -24.67 -8.12 -29.21
C ILE C 88 -25.60 -7.14 -28.49
N TYR C 89 -25.08 -5.94 -28.22
CA TYR C 89 -25.88 -4.89 -27.59
C TYR C 89 -27.25 -4.72 -28.25
N GLU C 90 -27.27 -4.74 -29.58
CA GLU C 90 -28.52 -4.59 -30.35
C GLU C 90 -29.38 -5.84 -30.35
N LYS C 91 -28.78 -7.02 -30.20
CA LYS C 91 -29.57 -8.23 -30.01
C LYS C 91 -30.32 -8.18 -28.68
N ILE C 92 -29.63 -7.72 -27.64
CA ILE C 92 -30.20 -7.53 -26.29
C ILE C 92 -31.32 -6.47 -26.30
N LYS C 93 -31.05 -5.31 -26.90
CA LYS C 93 -32.07 -4.25 -27.09
C LYS C 93 -33.39 -4.73 -27.72
N GLU C 94 -33.27 -5.37 -28.88
CA GLU C 94 -34.37 -5.98 -29.62
C GLU C 94 -35.14 -7.01 -28.79
N LYS C 95 -34.41 -7.92 -28.17
CA LYS C 95 -34.97 -9.03 -27.36
C LYS C 95 -35.85 -8.56 -26.21
N TYR C 96 -35.39 -7.52 -25.50
CA TYR C 96 -36.07 -7.02 -24.33
C TYR C 96 -36.85 -5.72 -24.60
N SER C 97 -36.92 -5.31 -25.87
CA SER C 97 -37.58 -4.06 -26.28
C SER C 97 -37.13 -2.89 -25.40
N LEU C 98 -35.81 -2.68 -25.35
CA LEU C 98 -35.23 -1.66 -24.49
C LEU C 98 -34.53 -0.55 -25.25
N LYS C 99 -34.55 0.64 -24.66
CA LYS C 99 -33.85 1.79 -25.20
C LYS C 99 -32.44 1.85 -24.62
N ASP C 100 -31.60 2.70 -25.19
CA ASP C 100 -30.28 2.96 -24.68
C ASP C 100 -30.27 3.38 -23.20
N GLU C 101 -31.26 4.20 -22.83
CA GLU C 101 -31.35 4.82 -21.49
C GLU C 101 -31.81 3.83 -20.42
N GLU C 102 -32.36 2.70 -20.86
CA GLU C 102 -32.81 1.66 -19.93
C GLU C 102 -31.74 0.60 -19.67
N ILE C 103 -30.54 0.83 -20.19
CA ILE C 103 -29.45 -0.15 -20.12
C ILE C 103 -28.17 0.43 -19.51
N GLY C 104 -27.46 -0.42 -18.76
CA GLY C 104 -26.18 -0.07 -18.16
C GLY C 104 -25.08 -1.00 -18.63
N PHE C 105 -23.85 -0.49 -18.67
CA PHE C 105 -22.69 -1.29 -19.06
C PHE C 105 -21.53 -1.03 -18.12
N ILE C 106 -21.07 -2.08 -17.44
CA ILE C 106 -19.83 -1.98 -16.69
C ILE C 106 -18.66 -2.58 -17.49
N GLY C 107 -17.81 -1.68 -17.97
CA GLY C 107 -16.73 -2.05 -18.88
C GLY C 107 -15.35 -1.99 -18.28
N ASP C 108 -14.36 -2.36 -19.08
CA ASP C 108 -12.98 -2.52 -18.66
C ASP C 108 -12.04 -2.07 -19.79
N ASP C 109 -12.22 -2.59 -21.01
CA ASP C 109 -11.26 -2.37 -22.09
C ASP C 109 -11.87 -1.61 -23.28
N VAL C 110 -10.99 -1.14 -24.16
CA VAL C 110 -11.35 -0.33 -25.34
C VAL C 110 -12.45 -0.95 -26.20
N VAL C 111 -12.54 -2.28 -26.19
CA VAL C 111 -13.56 -3.00 -26.93
C VAL C 111 -14.97 -2.67 -26.45
N ASP C 112 -15.08 -2.07 -25.26
CA ASP C 112 -16.37 -1.72 -24.64
C ASP C 112 -16.86 -0.30 -24.93
N ILE C 113 -15.97 0.53 -25.50
CA ILE C 113 -16.14 1.99 -25.56
C ILE C 113 -17.40 2.47 -26.30
N GLU C 114 -17.67 1.91 -27.49
CA GLU C 114 -18.79 2.35 -28.33
C GLU C 114 -20.15 2.02 -27.75
N VAL C 115 -20.23 0.90 -27.02
CA VAL C 115 -21.47 0.51 -26.32
C VAL C 115 -21.69 1.43 -25.11
N LYS C 117 -20.67 4.44 -24.81
CA LYS C 117 -21.03 5.75 -25.36
C LYS C 117 -22.51 5.87 -25.67
N LYS C 118 -23.20 4.73 -25.77
CA LYS C 118 -24.64 4.67 -26.09
C LYS C 118 -25.56 4.53 -24.88
N VAL C 119 -25.15 3.72 -23.89
CA VAL C 119 -26.00 3.37 -22.73
C VAL C 119 -26.28 4.51 -21.74
N GLY C 120 -27.45 4.41 -21.09
CA GLY C 120 -27.90 5.35 -20.06
C GLY C 120 -27.00 5.36 -18.83
N PHE C 121 -26.51 4.19 -18.42
CA PHE C 121 -25.66 4.07 -17.25
C PHE C 121 -24.32 3.34 -17.51
N PRO C 122 -23.34 4.05 -18.13
CA PRO C 122 -22.02 3.45 -18.37
C PRO C 122 -21.11 3.52 -17.13
N VAL C 123 -20.68 2.37 -16.65
CA VAL C 123 -19.84 2.25 -15.45
C VAL C 123 -18.48 1.66 -15.83
N ALA C 124 -17.43 2.15 -15.20
CA ALA C 124 -16.11 1.58 -15.36
C ALA C 124 -15.55 1.15 -14.01
N VAL C 125 -14.85 0.00 -13.99
CA VAL C 125 -14.05 -0.40 -12.83
C VAL C 125 -12.85 0.52 -12.65
N ARG C 126 -12.33 0.62 -11.45
CA ARG C 126 -11.21 1.48 -11.09
C ARG C 126 -9.97 1.20 -11.93
N ASN C 127 -9.78 -0.08 -12.29
CA ASN C 127 -8.64 -0.53 -13.06
C ASN C 127 -8.82 -0.36 -14.56
N ALA C 128 -10.03 -0.05 -15.00
CA ALA C 128 -10.30 0.17 -16.41
C ALA C 128 -9.37 1.24 -16.95
N VAL C 129 -8.94 1.05 -18.20
CA VAL C 129 -8.12 2.02 -18.91
C VAL C 129 -8.85 3.35 -18.98
N GLU C 130 -8.09 4.44 -18.98
CA GLU C 130 -8.63 5.80 -18.94
C GLU C 130 -9.61 6.13 -20.08
N GLU C 131 -9.44 5.47 -21.22
CA GLU C 131 -10.35 5.60 -22.38
C GLU C 131 -11.76 5.09 -22.06
N VAL C 132 -11.83 4.05 -21.25
CA VAL C 132 -13.09 3.51 -20.72
C VAL C 132 -13.60 4.36 -19.54
N ARG C 133 -12.67 4.76 -18.67
CA ARG C 133 -13.00 5.64 -17.54
C ARG C 133 -13.59 7.01 -17.93
N LYS C 134 -13.11 7.62 -19.00
CA LYS C 134 -13.62 8.94 -19.44
C LYS C 134 -15.06 8.86 -19.97
N VAL C 135 -15.43 7.70 -20.49
CA VAL C 135 -16.73 7.47 -21.11
C VAL C 135 -17.75 7.06 -20.04
N ALA C 136 -17.27 6.75 -18.83
CA ALA C 136 -18.11 6.30 -17.72
C ALA C 136 -18.71 7.43 -16.89
N VAL C 137 -19.98 7.26 -16.53
CA VAL C 137 -20.69 8.21 -15.67
C VAL C 137 -20.36 7.92 -14.21
N TYR C 138 -20.13 6.65 -13.90
CA TYR C 138 -19.66 6.25 -12.58
C TYR C 138 -18.42 5.35 -12.72
N ILE C 139 -17.38 5.70 -11.97
CA ILE C 139 -16.20 4.86 -11.87
C ILE C 139 -16.22 4.27 -10.46
N THR C 140 -16.05 2.94 -10.36
CA THR C 140 -16.08 2.25 -9.08
C THR C 140 -14.82 2.52 -8.25
N GLN C 141 -14.99 2.50 -6.92
CA GLN C 141 -13.89 2.57 -5.97
C GLN C 141 -13.05 1.26 -6.02
N ARG C 142 -13.71 0.15 -6.29
CA ARG C 142 -13.08 -1.14 -6.30
C ARG C 142 -12.63 -1.61 -7.69
N ASN C 143 -11.48 -2.29 -7.72
CA ASN C 143 -11.00 -2.93 -8.94
C ASN C 143 -11.86 -4.16 -9.25
N GLY C 144 -11.67 -4.71 -10.44
CA GLY C 144 -12.39 -5.94 -10.82
C GLY C 144 -11.95 -7.10 -9.95
N GLY C 145 -12.91 -7.91 -9.52
CA GLY C 145 -12.64 -9.05 -8.61
C GLY C 145 -12.46 -8.70 -7.14
N GLU C 146 -12.52 -7.40 -6.83
CA GLU C 146 -12.40 -6.92 -5.46
C GLU C 146 -13.78 -6.70 -4.88
N GLY C 147 -14.78 -6.68 -5.74
CA GLY C 147 -16.16 -6.50 -5.35
C GLY C 147 -16.80 -5.32 -6.01
N ALA C 148 -16.31 -4.94 -7.20
CA ALA C 148 -16.85 -3.78 -7.94
C ALA C 148 -18.35 -3.91 -8.25
N LEU C 149 -18.79 -5.12 -8.56
CA LEU C 149 -20.19 -5.36 -8.89
C LEU C 149 -21.14 -5.16 -7.70
N ARG C 150 -20.74 -5.58 -6.49
CA ARG C 150 -21.54 -5.27 -5.29
C ARG C 150 -21.64 -3.77 -5.06
N GLU C 151 -20.55 -3.06 -5.31
CA GLU C 151 -20.53 -1.60 -5.25
C GLU C 151 -21.57 -0.97 -6.20
N VAL C 152 -21.68 -1.50 -7.42
CA VAL C 152 -22.63 -0.96 -8.39
C VAL C 152 -24.07 -1.30 -7.99
N ALA C 153 -24.27 -2.47 -7.38
CA ALA C 153 -25.58 -2.89 -6.89
C ALA C 153 -26.04 -2.05 -5.70
N GLU C 154 -25.13 -1.76 -4.78
CA GLU C 154 -25.41 -0.92 -3.61
C GLU C 154 -25.73 0.52 -4.05
N LEU C 155 -24.91 1.07 -4.93
CA LEU C 155 -25.16 2.39 -5.52
C LEU C 155 -26.52 2.46 -6.22
N ILE C 156 -26.83 1.47 -7.07
CA ILE C 156 -28.15 1.42 -7.71
C ILE C 156 -29.28 1.34 -6.68
N HIS C 157 -29.10 0.52 -5.65
CA HIS C 157 -30.10 0.35 -4.58
C HIS C 157 -30.41 1.66 -3.86
N PHE C 158 -29.37 2.42 -3.53
CA PHE C 158 -29.53 3.71 -2.87
C PHE C 158 -30.21 4.74 -3.76
N LEU C 159 -29.79 4.79 -5.02
CA LEU C 159 -30.25 5.81 -5.97
C LEU C 159 -31.69 5.62 -6.44
N LYS C 160 -32.09 4.35 -6.62
CA LYS C 160 -33.48 4.00 -6.99
C LYS C 160 -34.47 4.34 -5.89
N ASN C 161 -34.09 4.07 -4.64
CA ASN C 161 -34.98 4.26 -3.50
C ASN C 161 -34.90 5.66 -2.93
N ASP C 162 -34.29 6.59 -3.69
CA ASP C 162 -34.24 7.97 -3.28
C ASP C 162 -34.26 8.89 -4.49
N ALA D 1 16.43 8.81 -27.40
CA ALA D 1 16.29 8.29 -28.78
C ALA D 1 15.45 7.02 -28.78
N LEU D 2 14.40 7.03 -27.96
CA LEU D 2 13.55 5.85 -27.75
C LEU D 2 12.70 5.52 -28.98
N ARG D 3 12.33 6.57 -29.71
CA ARG D 3 11.63 6.46 -31.00
C ARG D 3 12.50 5.76 -32.02
N ASP D 4 13.78 6.12 -32.04
CA ASP D 4 14.72 5.58 -33.01
C ASP D 4 14.93 4.08 -32.84
N ARG D 5 15.08 3.64 -31.59
CA ARG D 5 15.25 2.23 -31.25
C ARG D 5 14.04 1.38 -31.65
N VAL D 6 12.85 1.87 -31.31
CA VAL D 6 11.58 1.18 -31.59
C VAL D 6 11.28 1.12 -33.09
N LYS D 7 11.66 2.16 -33.82
CA LYS D 7 11.41 2.16 -35.27
C LYS D 7 12.15 1.06 -36.01
N LYS D 8 13.25 0.58 -35.42
CA LYS D 8 14.09 -0.48 -35.98
C LYS D 8 13.57 -1.88 -35.59
N LEU D 9 12.68 -1.92 -34.60
CA LEU D 9 12.20 -3.16 -34.00
C LEU D 9 11.40 -4.07 -34.95
N LYS D 10 11.92 -5.28 -35.14
CA LYS D 10 11.31 -6.29 -35.98
C LYS D 10 10.91 -7.54 -35.19
N LEU D 11 11.61 -7.78 -34.07
CA LEU D 11 11.39 -8.95 -33.23
C LEU D 11 11.52 -8.59 -31.76
N LEU D 12 10.62 -9.12 -30.93
CA LEU D 12 10.65 -8.86 -29.48
C LEU D 12 10.73 -10.16 -28.66
N ILE D 13 11.81 -10.30 -27.91
CA ILE D 13 12.01 -11.47 -27.02
C ILE D 13 11.56 -11.17 -25.60
N ASP D 15 11.13 -12.91 -21.34
CA ASP D 15 11.09 -13.88 -20.24
C ASP D 15 9.64 -14.19 -19.90
N ILE D 16 9.44 -15.19 -19.06
CA ILE D 16 8.10 -15.57 -18.62
C ILE D 16 7.91 -15.21 -17.16
N ASP D 17 8.68 -15.86 -16.30
CA ASP D 17 8.61 -15.68 -14.86
C ASP D 17 9.10 -14.31 -14.41
N GLY D 18 8.16 -13.51 -13.89
CA GLY D 18 8.44 -12.15 -13.47
C GLY D 18 8.24 -11.13 -14.58
N VAL D 19 7.74 -11.57 -15.73
CA VAL D 19 7.46 -10.69 -16.86
C VAL D 19 6.00 -10.89 -17.32
N LEU D 20 5.63 -12.15 -17.57
CA LEU D 20 4.24 -12.51 -17.88
C LEU D 20 3.54 -13.09 -16.66
N THR D 21 4.34 -13.36 -15.63
CA THR D 21 3.92 -14.00 -14.39
C THR D 21 4.50 -13.18 -13.23
N ASP D 22 3.92 -13.30 -12.03
CA ASP D 22 4.43 -12.58 -10.85
C ASP D 22 5.54 -13.33 -10.07
N GLY D 23 6.06 -14.40 -10.67
CA GLY D 23 7.16 -15.15 -10.09
C GLY D 23 6.71 -16.28 -9.18
N LYS D 24 5.43 -16.28 -8.84
CA LYS D 24 4.81 -17.36 -8.10
C LYS D 24 4.73 -18.63 -8.94
N LEU D 25 4.83 -19.79 -8.29
CA LEU D 25 4.81 -21.08 -8.98
C LEU D 25 3.80 -22.05 -8.34
N TYR D 26 2.77 -22.44 -9.09
CA TYR D 26 1.69 -23.27 -8.54
C TYR D 26 1.95 -24.76 -8.74
N TYR D 27 2.26 -25.42 -7.63
CA TYR D 27 2.64 -26.83 -7.64
C TYR D 27 1.53 -27.75 -7.21
N THR D 28 1.48 -28.90 -7.86
CA THR D 28 0.70 -30.05 -7.40
C THR D 28 1.66 -31.21 -7.26
N GLU D 29 1.11 -32.40 -7.02
CA GLU D 29 1.83 -33.66 -6.93
C GLU D 29 2.88 -33.80 -8.06
N HIS D 30 2.53 -33.38 -9.27
CA HIS D 30 3.39 -33.57 -10.44
C HIS D 30 4.14 -32.35 -10.98
N GLY D 31 4.43 -31.39 -10.11
CA GLY D 31 5.17 -30.18 -10.48
C GLY D 31 4.28 -29.01 -10.79
N GLU D 32 4.79 -28.06 -11.59
CA GLU D 32 4.05 -26.83 -11.96
C GLU D 32 2.94 -27.09 -12.99
N THR D 33 1.73 -27.22 -12.48
CA THR D 33 0.57 -27.70 -13.23
C THR D 33 -0.46 -26.57 -13.41
N ILE D 34 -0.27 -25.51 -12.63
CA ILE D 34 -1.03 -24.27 -12.78
C ILE D 34 -0.06 -23.11 -12.99
N LYS D 35 -0.38 -22.28 -13.97
CA LYS D 35 0.34 -21.05 -14.25
C LYS D 35 -0.63 -19.90 -14.52
N VAL D 36 -0.39 -18.79 -13.86
CA VAL D 36 -1.28 -17.62 -13.93
C VAL D 36 -0.67 -16.54 -14.81
N PHE D 37 -1.44 -16.12 -15.81
CA PHE D 37 -1.10 -15.04 -16.71
C PHE D 37 -2.03 -13.84 -16.49
N ASN D 38 -1.80 -12.78 -17.25
CA ASN D 38 -2.65 -11.60 -17.23
C ASN D 38 -3.31 -11.39 -18.59
N VAL D 39 -4.61 -11.10 -18.58
CA VAL D 39 -5.43 -10.94 -19.80
C VAL D 39 -4.98 -9.73 -20.64
N LEU D 40 -4.47 -8.71 -19.95
CA LEU D 40 -3.98 -7.51 -20.62
C LEU D 40 -2.79 -7.83 -21.54
N ASP D 41 -1.97 -8.78 -21.10
CA ASP D 41 -0.82 -9.26 -21.89
C ASP D 41 -1.24 -9.94 -23.19
N GLY D 42 -2.42 -10.57 -23.21
CA GLY D 42 -2.96 -11.19 -24.43
C GLY D 42 -3.21 -10.17 -25.53
N ILE D 43 -3.88 -9.08 -25.18
CA ILE D 43 -4.14 -7.99 -26.10
C ILE D 43 -2.84 -7.31 -26.55
N GLY D 44 -1.84 -7.32 -25.67
CA GLY D 44 -0.51 -6.82 -25.96
C GLY D 44 0.14 -7.59 -27.08
N ILE D 45 0.07 -8.92 -26.99
CA ILE D 45 0.67 -9.80 -28.00
C ILE D 45 0.00 -9.63 -29.37
N LYS D 46 -1.34 -9.68 -29.40
CA LYS D 46 -2.11 -9.50 -30.64
C LYS D 46 -1.79 -8.17 -31.31
N LEU D 47 -1.46 -7.18 -30.48
CA LEU D 47 -1.11 -5.84 -30.95
C LEU D 47 0.28 -5.80 -31.61
N LEU D 48 1.20 -6.58 -31.07
CA LEU D 48 2.55 -6.69 -31.62
C LEU D 48 2.56 -7.56 -32.88
N GLN D 49 1.73 -8.59 -32.89
CA GLN D 49 1.50 -9.40 -34.09
C GLN D 49 0.96 -8.55 -35.25
N LYS D 50 -0.06 -7.73 -34.95
CA LYS D 50 -0.63 -6.81 -35.95
C LYS D 50 0.40 -5.83 -36.50
N GLY D 52 3.42 -6.49 -36.90
CA GLY D 52 4.36 -7.25 -37.73
C GLY D 52 5.64 -7.61 -37.02
N ILE D 53 5.65 -7.44 -35.70
CA ILE D 53 6.80 -7.78 -34.86
C ILE D 53 6.75 -9.25 -34.40
N THR D 54 7.80 -10.01 -34.74
CA THR D 54 7.91 -11.41 -34.33
C THR D 54 8.15 -11.49 -32.83
N LEU D 55 7.49 -12.45 -32.19
CA LEU D 55 7.60 -12.62 -30.75
C LEU D 55 8.36 -13.90 -30.39
N ALA D 56 9.40 -13.74 -29.58
CA ALA D 56 10.14 -14.87 -29.08
C ALA D 56 9.98 -14.95 -27.55
N VAL D 57 10.03 -16.17 -27.04
CA VAL D 57 10.17 -16.39 -25.61
C VAL D 57 11.40 -17.27 -25.31
N ILE D 58 12.17 -16.86 -24.32
CA ILE D 58 13.24 -17.67 -23.77
C ILE D 58 13.03 -17.77 -22.26
N SER D 59 12.67 -18.95 -21.78
CA SER D 59 12.42 -19.19 -20.36
C SER D 59 13.32 -20.30 -19.85
N GLY D 60 13.83 -20.10 -18.64
CA GLY D 60 14.55 -21.14 -17.94
C GLY D 60 13.66 -22.32 -17.57
N ARG D 61 12.48 -22.02 -17.01
CA ARG D 61 11.52 -23.03 -16.59
C ARG D 61 10.65 -23.52 -17.72
N ASP D 62 10.19 -24.76 -17.56
CA ASP D 62 9.23 -25.37 -18.48
C ASP D 62 8.04 -25.95 -17.72
N SER D 63 6.86 -25.72 -18.27
CA SER D 63 5.62 -26.33 -17.76
C SER D 63 4.60 -26.56 -18.87
N ALA D 64 3.74 -27.56 -18.70
CA ALA D 64 2.66 -27.82 -19.63
C ALA D 64 1.71 -26.61 -19.83
N PRO D 65 1.22 -25.99 -18.73
CA PRO D 65 0.39 -24.78 -18.87
C PRO D 65 1.06 -23.58 -19.55
N LEU D 66 2.39 -23.49 -19.48
CA LEU D 66 3.13 -22.40 -20.16
C LEU D 66 3.05 -22.52 -21.69
N ILE D 67 3.39 -23.70 -22.20
CA ILE D 67 3.31 -24.02 -23.63
C ILE D 67 1.92 -23.77 -24.20
N THR D 68 0.92 -24.28 -23.50
CA THR D 68 -0.48 -24.17 -23.91
C THR D 68 -0.90 -22.72 -24.15
N ARG D 69 -0.52 -21.84 -23.21
CA ARG D 69 -0.81 -20.42 -23.32
C ARG D 69 -0.06 -19.75 -24.47
N LEU D 70 1.23 -20.02 -24.61
CA LEU D 70 2.04 -19.41 -25.65
C LEU D 70 1.64 -19.86 -27.06
N LYS D 71 1.19 -21.12 -27.17
CA LYS D 71 0.68 -21.66 -28.43
C LYS D 71 -0.65 -21.02 -28.84
N GLU D 72 -1.54 -20.87 -27.86
CA GLU D 72 -2.81 -20.19 -28.06
C GLU D 72 -2.61 -18.71 -28.46
N LEU D 73 -1.56 -18.10 -27.93
CA LEU D 73 -1.21 -16.71 -28.26
C LEU D 73 -0.56 -16.59 -29.64
N GLY D 74 -0.20 -17.72 -30.23
CA GLY D 74 0.47 -17.77 -31.53
C GLY D 74 1.93 -17.40 -31.52
N VAL D 75 2.58 -17.52 -30.37
CA VAL D 75 3.99 -17.10 -30.22
C VAL D 75 4.90 -17.98 -31.06
N GLU D 76 5.65 -17.33 -31.96
CA GLU D 76 6.45 -17.99 -32.98
C GLU D 76 7.60 -18.82 -32.41
N GLU D 77 8.49 -18.18 -31.66
CA GLU D 77 9.72 -18.81 -31.19
C GLU D 77 9.71 -19.09 -29.67
N ILE D 78 9.46 -20.36 -29.33
CA ILE D 78 9.30 -20.76 -27.93
C ILE D 78 10.50 -21.60 -27.50
N TYR D 79 11.38 -20.98 -26.72
CA TYR D 79 12.49 -21.68 -26.11
C TYR D 79 12.21 -21.81 -24.62
N THR D 80 12.31 -23.04 -24.13
CA THR D 80 11.97 -23.35 -22.74
C THR D 80 12.78 -24.54 -22.23
N GLY D 81 13.16 -24.48 -20.95
CA GLY D 81 14.01 -25.52 -20.36
C GLY D 81 15.50 -25.20 -20.37
N SER D 82 15.86 -24.03 -20.92
CA SER D 82 17.27 -23.64 -21.08
C SER D 82 17.62 -22.29 -20.43
N TYR D 83 18.79 -22.23 -19.79
CA TYR D 83 19.31 -21.02 -19.19
C TYR D 83 20.47 -20.40 -19.99
N LYS D 84 20.75 -20.98 -21.16
CA LYS D 84 21.81 -20.47 -22.05
C LYS D 84 21.22 -19.55 -23.09
N LYS D 85 21.00 -18.30 -22.69
CA LYS D 85 20.20 -17.36 -23.47
C LYS D 85 20.94 -16.75 -24.64
N LEU D 86 22.25 -16.52 -24.49
CA LEU D 86 23.09 -16.01 -25.58
C LEU D 86 23.10 -16.95 -26.79
N GLU D 87 23.13 -18.25 -26.49
CA GLU D 87 23.20 -19.32 -27.50
C GLU D 87 21.95 -19.34 -28.37
N ILE D 88 20.78 -19.28 -27.73
CA ILE D 88 19.51 -19.35 -28.46
C ILE D 88 19.09 -17.97 -28.98
N TYR D 89 19.53 -16.91 -28.32
CA TYR D 89 19.44 -15.57 -28.91
C TYR D 89 20.13 -15.54 -30.28
N GLU D 90 21.30 -16.17 -30.36
CA GLU D 90 22.05 -16.26 -31.61
C GLU D 90 21.33 -17.14 -32.64
N LYS D 91 20.57 -18.13 -32.16
CA LYS D 91 19.75 -18.99 -33.02
C LYS D 91 18.61 -18.21 -33.66
N ILE D 92 17.92 -17.41 -32.85
CA ILE D 92 16.75 -16.62 -33.25
C ILE D 92 17.15 -15.51 -34.21
N LYS D 93 18.29 -14.88 -33.91
CA LYS D 93 18.86 -13.79 -34.71
C LYS D 93 19.24 -14.27 -36.12
N GLU D 94 19.89 -15.44 -36.17
CA GLU D 94 20.26 -16.12 -37.40
C GLU D 94 19.04 -16.54 -38.21
N LYS D 95 18.10 -17.25 -37.56
CA LYS D 95 16.88 -17.73 -38.20
C LYS D 95 16.11 -16.60 -38.91
N TYR D 96 16.06 -15.42 -38.29
CA TYR D 96 15.27 -14.32 -38.85
C TYR D 96 16.05 -13.30 -39.68
N SER D 97 17.35 -13.55 -39.82
CA SER D 97 18.25 -12.76 -40.67
C SER D 97 18.26 -11.29 -40.20
N LEU D 98 18.47 -11.11 -38.90
CA LEU D 98 18.37 -9.78 -38.28
C LEU D 98 19.62 -9.29 -37.58
N LYS D 99 19.65 -7.99 -37.33
CA LYS D 99 20.69 -7.35 -36.55
C LYS D 99 20.24 -7.22 -35.11
N ASP D 100 21.20 -6.97 -34.22
CA ASP D 100 20.94 -6.70 -32.79
C ASP D 100 19.99 -5.51 -32.62
N GLU D 101 20.18 -4.50 -33.46
CA GLU D 101 19.39 -3.27 -33.41
C GLU D 101 17.92 -3.46 -33.75
N GLU D 102 17.59 -4.58 -34.40
CA GLU D 102 16.21 -4.86 -34.79
C GLU D 102 15.48 -5.72 -33.75
N ILE D 103 16.22 -6.22 -32.77
CA ILE D 103 15.65 -7.08 -31.73
C ILE D 103 15.45 -6.33 -30.42
N GLY D 104 14.34 -6.64 -29.75
CA GLY D 104 14.09 -6.19 -28.38
C GLY D 104 14.07 -7.36 -27.41
N PHE D 105 14.36 -7.05 -26.14
CA PHE D 105 14.35 -8.06 -25.09
C PHE D 105 13.75 -7.49 -23.78
N ILE D 106 12.67 -8.10 -23.30
CA ILE D 106 12.17 -7.80 -21.95
C ILE D 106 12.58 -8.86 -20.94
N GLY D 107 13.48 -8.47 -20.04
CA GLY D 107 14.05 -9.39 -19.06
C GLY D 107 13.66 -9.10 -17.62
N ASP D 108 14.00 -10.03 -16.74
CA ASP D 108 13.74 -9.94 -15.30
C ASP D 108 15.00 -10.39 -14.54
N ASP D 109 15.64 -11.42 -15.10
CA ASP D 109 16.71 -12.18 -14.48
C ASP D 109 18.10 -11.62 -14.82
N VAL D 110 19.07 -11.88 -13.94
CA VAL D 110 20.49 -11.59 -14.16
C VAL D 110 21.07 -12.32 -15.39
N VAL D 111 20.53 -13.52 -15.67
CA VAL D 111 20.85 -14.29 -16.88
C VAL D 111 20.56 -13.53 -18.19
N ASP D 112 19.65 -12.56 -18.12
CA ASP D 112 19.27 -11.77 -19.29
C ASP D 112 20.27 -10.66 -19.65
N ILE D 113 21.00 -10.17 -18.65
CA ILE D 113 21.91 -9.01 -18.76
C ILE D 113 22.77 -9.00 -20.02
N GLU D 114 23.39 -10.13 -20.33
CA GLU D 114 24.34 -10.23 -21.45
C GLU D 114 23.65 -10.17 -22.83
N VAL D 115 22.44 -10.69 -22.92
CA VAL D 115 21.61 -10.60 -24.13
C VAL D 115 21.01 -9.21 -24.29
N LYS D 117 22.43 -6.45 -23.22
CA LYS D 117 23.52 -5.53 -23.58
C LYS D 117 23.78 -5.47 -25.10
N LYS D 118 23.44 -6.54 -25.80
CA LYS D 118 23.50 -6.60 -27.27
C LYS D 118 22.31 -5.92 -27.97
N VAL D 119 21.09 -6.25 -27.52
CA VAL D 119 19.85 -5.87 -28.21
C VAL D 119 19.59 -4.37 -28.34
N GLY D 120 18.83 -4.01 -29.38
CA GLY D 120 18.50 -2.62 -29.68
C GLY D 120 17.45 -2.01 -28.76
N PHE D 121 16.54 -2.83 -28.25
CA PHE D 121 15.42 -2.34 -27.41
C PHE D 121 15.36 -3.15 -26.12
N PRO D 122 16.30 -2.90 -25.19
CA PRO D 122 16.30 -3.67 -23.94
C PRO D 122 15.29 -3.13 -22.95
N VAL D 123 14.44 -4.01 -22.43
CA VAL D 123 13.37 -3.61 -21.54
C VAL D 123 13.47 -4.37 -20.21
N ALA D 124 13.31 -3.64 -19.11
CA ALA D 124 13.14 -4.25 -17.81
C ALA D 124 11.74 -4.02 -17.28
N VAL D 125 11.25 -5.03 -16.58
CA VAL D 125 10.03 -4.94 -15.79
C VAL D 125 10.35 -4.24 -14.45
N ARG D 126 9.35 -3.64 -13.83
CA ARG D 126 9.52 -2.88 -12.58
C ARG D 126 10.24 -3.66 -11.46
N ASN D 127 9.81 -4.90 -11.25
CA ASN D 127 10.33 -5.75 -10.17
C ASN D 127 11.74 -6.31 -10.42
N ALA D 128 12.25 -6.17 -11.64
CA ALA D 128 13.58 -6.67 -12.01
C ALA D 128 14.70 -6.07 -11.16
N VAL D 129 15.76 -6.85 -10.96
CA VAL D 129 16.90 -6.42 -10.15
C VAL D 129 17.63 -5.26 -10.83
N GLU D 130 18.28 -4.42 -10.01
CA GLU D 130 18.94 -3.21 -10.49
C GLU D 130 19.94 -3.51 -11.61
N GLU D 131 20.63 -4.64 -11.49
CA GLU D 131 21.56 -5.13 -12.51
C GLU D 131 20.92 -5.19 -13.90
N VAL D 132 19.61 -5.43 -13.93
CA VAL D 132 18.82 -5.56 -15.18
C VAL D 132 18.17 -4.25 -15.58
N ARG D 133 17.67 -3.51 -14.60
CA ARG D 133 17.03 -2.22 -14.85
C ARG D 133 18.05 -1.22 -15.38
N LYS D 134 19.27 -1.34 -14.85
CA LYS D 134 20.46 -0.59 -15.24
C LYS D 134 20.80 -0.74 -16.73
N VAL D 135 20.72 -1.96 -17.24
CA VAL D 135 21.02 -2.26 -18.64
C VAL D 135 19.90 -1.83 -19.61
N ALA D 136 18.67 -1.78 -19.09
CA ALA D 136 17.47 -1.45 -19.87
C ALA D 136 17.37 -0.02 -20.38
N VAL D 137 16.57 0.15 -21.43
CA VAL D 137 16.26 1.44 -22.04
C VAL D 137 14.81 1.88 -21.66
N TYR D 138 14.00 0.90 -21.28
CA TYR D 138 12.67 1.19 -20.75
C TYR D 138 12.44 0.30 -19.56
N ILE D 139 11.99 0.91 -18.47
CA ILE D 139 11.55 0.18 -17.30
C ILE D 139 10.05 0.40 -17.22
N THR D 140 9.30 -0.71 -17.12
CA THR D 140 7.83 -0.66 -17.03
C THR D 140 7.33 -0.15 -15.67
N GLN D 141 6.13 0.43 -15.68
CA GLN D 141 5.39 0.83 -14.49
C GLN D 141 4.83 -0.41 -13.77
N ARG D 142 4.38 -1.37 -14.56
CA ARG D 142 3.70 -2.56 -14.06
C ARG D 142 4.62 -3.73 -13.79
N ASN D 143 4.34 -4.44 -12.72
CA ASN D 143 5.11 -5.65 -12.39
C ASN D 143 4.70 -6.84 -13.26
N GLY D 144 5.39 -7.95 -13.08
CA GLY D 144 5.24 -9.16 -13.89
C GLY D 144 3.86 -9.71 -14.25
N GLY D 145 2.98 -9.86 -13.27
CA GLY D 145 1.66 -10.40 -13.57
C GLY D 145 0.56 -9.37 -13.84
N GLU D 146 0.97 -8.15 -14.14
CA GLU D 146 0.08 -6.98 -14.10
C GLU D 146 -0.20 -6.35 -15.47
N GLY D 147 0.19 -7.02 -16.55
CA GLY D 147 0.07 -6.45 -17.88
C GLY D 147 1.30 -5.66 -18.34
N ALA D 148 2.47 -6.07 -17.89
CA ALA D 148 3.72 -5.41 -18.27
C ALA D 148 3.99 -5.46 -19.79
N LEU D 149 3.50 -6.51 -20.46
CA LEU D 149 3.67 -6.63 -21.91
C LEU D 149 2.66 -5.76 -22.68
N ARG D 150 1.43 -5.66 -22.18
CA ARG D 150 0.49 -4.65 -22.69
C ARG D 150 1.12 -3.24 -22.71
N GLU D 151 1.75 -2.87 -21.60
CA GLU D 151 2.43 -1.59 -21.46
C GLU D 151 3.48 -1.38 -22.55
N VAL D 152 4.33 -2.37 -22.77
CA VAL D 152 5.38 -2.32 -23.79
C VAL D 152 4.82 -2.24 -25.21
N ALA D 153 3.77 -3.02 -25.48
CA ALA D 153 3.07 -2.99 -26.77
C ALA D 153 2.45 -1.63 -27.11
N GLU D 154 1.79 -1.00 -26.14
CA GLU D 154 1.20 0.31 -26.33
C GLU D 154 2.28 1.37 -26.55
N LEU D 155 3.36 1.25 -25.77
CA LEU D 155 4.53 2.09 -25.93
C LEU D 155 5.09 2.04 -27.36
N ILE D 156 5.25 0.82 -27.87
CA ILE D 156 5.82 0.60 -29.21
C ILE D 156 4.96 1.23 -30.28
N HIS D 157 3.65 0.99 -30.15
CA HIS D 157 2.59 1.52 -31.03
C HIS D 157 2.54 3.05 -31.07
N PHE D 158 2.75 3.68 -29.91
CA PHE D 158 2.83 5.14 -29.83
C PHE D 158 4.09 5.71 -30.52
N LEU D 159 5.25 5.09 -30.27
CA LEU D 159 6.52 5.55 -30.83
C LEU D 159 6.71 5.23 -32.32
N LYS D 160 5.96 4.25 -32.82
CA LYS D 160 6.07 3.77 -34.19
C LYS D 160 5.51 4.76 -35.22
N ASN D 161 4.24 5.16 -35.04
CA ASN D 161 3.60 6.24 -35.82
C ASN D 161 2.45 6.91 -35.07
N ALA E 1 22.53 -7.74 -4.26
CA ALA E 1 23.84 -7.04 -4.40
C ALA E 1 23.76 -5.56 -4.00
N LEU E 2 22.84 -5.22 -3.11
CA LEU E 2 22.76 -3.88 -2.51
C LEU E 2 23.93 -3.62 -1.56
N ARG E 3 24.33 -4.65 -0.82
CA ARG E 3 25.49 -4.59 0.06
C ARG E 3 26.78 -4.54 -0.74
N ASP E 4 26.74 -5.05 -1.96
CA ASP E 4 27.84 -4.96 -2.91
C ASP E 4 28.01 -3.51 -3.40
N ARG E 5 26.88 -2.86 -3.73
CA ARG E 5 26.90 -1.48 -4.22
C ARG E 5 27.39 -0.49 -3.17
N VAL E 6 26.97 -0.69 -1.92
CA VAL E 6 27.35 0.16 -0.80
C VAL E 6 28.83 0.05 -0.48
N LYS E 7 29.36 -1.17 -0.60
CA LYS E 7 30.74 -1.47 -0.26
C LYS E 7 31.74 -0.69 -1.13
N LYS E 8 31.40 -0.52 -2.42
CA LYS E 8 32.26 0.18 -3.38
C LYS E 8 32.18 1.70 -3.29
N LEU E 9 31.14 2.20 -2.62
CA LEU E 9 30.77 3.61 -2.60
C LEU E 9 31.82 4.52 -1.95
N LYS E 10 32.27 5.52 -2.72
CA LYS E 10 33.28 6.49 -2.26
C LYS E 10 32.78 7.93 -2.32
N LEU E 11 31.79 8.17 -3.17
CA LEU E 11 31.29 9.52 -3.39
C LEU E 11 29.77 9.53 -3.57
N LEU E 12 29.10 10.35 -2.77
CA LEU E 12 27.66 10.52 -2.86
C LEU E 12 27.27 11.93 -3.32
N ILE E 13 26.56 12.00 -4.45
CA ILE E 13 26.05 13.23 -5.02
C ILE E 13 24.55 13.34 -4.72
N ASP E 15 20.86 16.17 -4.99
CA ASP E 15 20.16 17.43 -5.19
C ASP E 15 19.92 18.04 -3.82
N ILE E 16 19.67 19.36 -3.80
CA ILE E 16 19.28 20.07 -2.57
C ILE E 16 17.74 20.07 -2.43
N ASP E 17 17.08 20.70 -3.41
CA ASP E 17 15.65 20.91 -3.38
C ASP E 17 14.90 19.60 -3.68
N GLY E 18 14.09 19.17 -2.72
CA GLY E 18 13.33 17.93 -2.85
C GLY E 18 13.99 16.75 -2.16
N VAL E 19 15.25 16.94 -1.78
CA VAL E 19 16.06 15.89 -1.18
C VAL E 19 16.51 16.32 0.21
N LEU E 20 16.88 17.59 0.35
CA LEU E 20 17.24 18.17 1.65
C LEU E 20 16.16 19.14 2.08
N THR E 21 15.17 19.34 1.20
CA THR E 21 14.03 20.22 1.47
C THR E 21 12.74 19.64 0.86
N ASP E 22 11.59 20.17 1.28
CA ASP E 22 10.33 19.89 0.59
C ASP E 22 10.09 20.90 -0.56
N GLY E 23 10.99 21.87 -0.68
CA GLY E 23 10.88 22.91 -1.69
C GLY E 23 10.19 24.20 -1.26
N LYS E 24 9.58 24.20 -0.08
CA LYS E 24 8.79 25.34 0.39
C LYS E 24 9.68 26.52 0.79
N LEU E 25 9.30 27.71 0.38
CA LEU E 25 10.02 28.93 0.70
C LEU E 25 9.16 29.81 1.61
N TYR E 26 9.67 30.09 2.80
CA TYR E 26 8.98 30.93 3.78
C TYR E 26 9.48 32.37 3.68
N TYR E 27 8.56 33.31 3.46
CA TYR E 27 8.93 34.65 3.01
C TYR E 27 8.28 35.70 3.88
N THR E 28 9.05 36.72 4.24
CA THR E 28 8.51 37.94 4.87
C THR E 28 8.88 39.20 4.06
N ILE E 34 12.21 32.66 6.21
CA ILE E 34 12.97 31.82 7.12
C ILE E 34 13.36 30.47 6.49
N LYS E 35 14.62 30.08 6.73
CA LYS E 35 15.23 28.89 6.12
C LYS E 35 14.95 27.60 6.90
N VAL E 36 14.74 26.52 6.16
CA VAL E 36 14.49 25.21 6.80
C VAL E 36 15.54 24.16 6.44
N PHE E 37 16.30 23.74 7.44
CA PHE E 37 17.27 22.65 7.27
C PHE E 37 16.84 21.49 8.13
N ASN E 38 17.11 20.28 7.67
CA ASN E 38 16.88 19.12 8.53
C ASN E 38 18.14 18.73 9.31
N VAL E 39 18.02 18.77 10.63
CA VAL E 39 19.15 18.51 11.54
C VAL E 39 19.64 17.05 11.47
N LEU E 40 18.76 16.14 11.06
CA LEU E 40 19.11 14.73 10.90
C LEU E 40 20.02 14.52 9.70
N ASP E 41 19.79 15.33 8.66
CA ASP E 41 20.68 15.41 7.51
C ASP E 41 22.06 15.92 7.88
N GLY E 42 22.13 16.78 8.90
CA GLY E 42 23.40 17.30 9.43
C GLY E 42 24.25 16.21 10.06
N ILE E 43 23.60 15.39 10.89
CA ILE E 43 24.17 14.18 11.49
C ILE E 43 24.48 13.13 10.41
N GLY E 44 23.59 13.04 9.43
CA GLY E 44 23.78 12.17 8.28
C GLY E 44 25.01 12.54 7.51
N ILE E 45 25.19 13.84 7.26
CA ILE E 45 26.43 14.41 6.70
C ILE E 45 27.70 14.04 7.48
N LYS E 46 27.64 14.17 8.81
CA LYS E 46 28.78 13.85 9.69
C LYS E 46 29.19 12.36 9.65
N LEU E 47 28.19 11.48 9.60
CA LEU E 47 28.42 10.03 9.51
C LEU E 47 29.03 9.62 8.16
N LEU E 48 28.52 10.20 7.07
CA LEU E 48 29.07 9.94 5.75
C LEU E 48 30.55 10.30 5.66
N GLN E 49 30.90 11.48 6.14
CA GLN E 49 32.28 11.94 6.25
C GLN E 49 33.17 10.98 7.05
N LYS E 50 32.69 10.52 8.20
CA LYS E 50 33.43 9.59 9.06
C LYS E 50 33.70 8.22 8.41
N GLY E 52 34.47 7.98 5.07
CA GLY E 52 35.29 8.23 3.89
C GLY E 52 34.50 8.38 2.61
N ILE E 53 33.30 8.93 2.72
CA ILE E 53 32.45 9.17 1.57
C ILE E 53 32.42 10.66 1.26
N THR E 54 32.90 11.02 0.08
CA THR E 54 32.91 12.40 -0.39
C THR E 54 31.50 12.85 -0.75
N LEU E 55 31.12 14.04 -0.27
CA LEU E 55 29.79 14.61 -0.54
C LEU E 55 29.84 15.73 -1.57
N ALA E 56 28.99 15.60 -2.58
CA ALA E 56 28.87 16.59 -3.64
C ALA E 56 27.41 16.96 -3.87
N VAL E 57 27.17 18.17 -4.36
CA VAL E 57 25.82 18.60 -4.70
C VAL E 57 25.76 19.15 -6.12
N ILE E 58 24.67 18.85 -6.81
CA ILE E 58 24.41 19.45 -8.10
C ILE E 58 23.04 20.11 -8.01
N SER E 59 23.03 21.43 -8.13
CA SER E 59 21.79 22.20 -8.12
C SER E 59 21.63 23.16 -9.32
N GLY E 60 20.50 23.86 -9.33
CA GLY E 60 20.16 24.87 -10.33
C GLY E 60 19.18 25.87 -9.75
N SER E 63 18.99 29.27 -4.26
CA SER E 63 19.89 28.21 -3.78
C SER E 63 20.81 28.64 -2.64
N ALA E 64 20.96 29.96 -2.46
CA ALA E 64 21.92 30.55 -1.51
C ALA E 64 21.81 30.14 -0.03
N PRO E 65 20.59 30.06 0.53
CA PRO E 65 20.46 29.84 1.99
C PRO E 65 21.11 28.56 2.51
N LEU E 66 20.97 27.47 1.76
CA LEU E 66 21.34 26.14 2.27
C LEU E 66 22.81 25.80 1.99
N ILE E 67 23.35 26.39 0.92
CA ILE E 67 24.76 26.24 0.57
C ILE E 67 25.68 26.69 1.71
N THR E 68 25.35 27.82 2.33
CA THR E 68 26.11 28.33 3.47
C THR E 68 26.24 27.28 4.56
N ARG E 69 25.11 26.67 4.91
CA ARG E 69 25.05 25.61 5.92
C ARG E 69 25.86 24.37 5.57
N LEU E 70 25.71 23.89 4.33
CA LEU E 70 26.49 22.76 3.83
C LEU E 70 28.00 23.03 3.92
N LYS E 71 28.42 24.24 3.51
CA LYS E 71 29.82 24.68 3.57
C LYS E 71 30.36 24.64 5.00
N GLU E 72 29.52 25.04 5.95
CA GLU E 72 29.84 25.03 7.37
C GLU E 72 29.95 23.61 7.96
N LEU E 73 29.34 22.64 7.30
CA LEU E 73 29.31 21.26 7.78
C LEU E 73 30.36 20.36 7.10
N GLY E 74 30.99 20.87 6.05
CA GLY E 74 32.08 20.18 5.36
C GLY E 74 31.81 19.79 3.92
N VAL E 75 30.71 20.27 3.35
CA VAL E 75 30.41 20.00 1.94
C VAL E 75 30.93 21.19 1.12
N GLU E 76 31.96 20.94 0.31
CA GLU E 76 32.55 22.01 -0.52
C GLU E 76 32.41 21.77 -2.03
N GLU E 77 32.24 20.50 -2.42
CA GLU E 77 31.97 20.18 -3.81
C GLU E 77 30.53 20.56 -4.13
N ILE E 78 30.34 21.82 -4.54
CA ILE E 78 29.02 22.38 -4.75
C ILE E 78 28.86 22.97 -6.16
N TYR E 79 27.85 22.48 -6.87
CA TYR E 79 27.53 22.96 -8.22
C TYR E 79 26.13 23.58 -8.25
N THR E 80 26.04 24.76 -8.86
CA THR E 80 24.77 25.49 -9.03
C THR E 80 24.62 25.93 -10.47
N GLY E 81 23.37 26.14 -10.90
CA GLY E 81 23.05 26.58 -12.26
C GLY E 81 23.25 25.51 -13.31
N SER E 82 22.38 24.49 -13.28
CA SER E 82 22.38 23.41 -14.28
C SER E 82 20.96 22.93 -14.57
N LYS E 84 20.69 19.88 -16.61
CA LYS E 84 21.81 19.34 -17.39
C LYS E 84 22.99 18.94 -16.47
N LYS E 85 23.03 17.67 -16.10
CA LYS E 85 23.89 17.21 -15.00
C LYS E 85 24.94 16.17 -15.39
N LEU E 86 24.81 15.62 -16.60
CA LEU E 86 25.75 14.64 -17.14
C LEU E 86 27.19 15.17 -17.21
N GLU E 87 27.35 16.42 -17.65
CA GLU E 87 28.69 16.95 -17.90
C GLU E 87 29.43 17.31 -16.61
N ILE E 88 28.71 17.84 -15.63
CA ILE E 88 29.30 18.08 -14.30
C ILE E 88 29.54 16.77 -13.54
N TYR E 89 28.77 15.74 -13.86
CA TYR E 89 28.99 14.40 -13.32
C TYR E 89 30.32 13.81 -13.77
N GLU E 90 30.62 13.97 -15.07
CA GLU E 90 31.86 13.47 -15.65
C GLU E 90 33.04 14.21 -15.06
N LYS E 91 32.84 15.49 -14.75
CA LYS E 91 33.81 16.35 -14.08
C LYS E 91 34.18 15.83 -12.69
N ILE E 92 33.17 15.54 -11.87
CA ILE E 92 33.36 15.02 -10.52
C ILE E 92 34.05 13.67 -10.60
N LYS E 93 33.62 12.85 -11.55
CA LYS E 93 34.23 11.56 -11.87
C LYS E 93 35.72 11.69 -12.24
N GLU E 94 36.03 12.66 -13.11
CA GLU E 94 37.41 12.94 -13.53
C GLU E 94 38.26 13.39 -12.35
N LYS E 95 37.73 14.38 -11.61
CA LYS E 95 38.40 15.04 -10.48
C LYS E 95 38.76 14.08 -9.36
N TYR E 96 37.92 13.08 -9.15
CA TYR E 96 38.09 12.14 -8.05
C TYR E 96 38.64 10.77 -8.51
N SER E 97 38.77 10.61 -9.81
CA SER E 97 39.33 9.41 -10.45
C SER E 97 38.56 8.17 -10.01
N LEU E 98 37.26 8.18 -10.25
CA LEU E 98 36.37 7.12 -9.82
C LEU E 98 35.63 6.52 -11.01
N LYS E 99 35.20 5.27 -10.86
CA LYS E 99 34.31 4.64 -11.85
C LYS E 99 32.87 4.94 -11.44
N ASP E 100 31.94 4.63 -12.34
CA ASP E 100 30.52 4.75 -12.08
C ASP E 100 30.11 4.00 -10.80
N GLU E 101 30.69 2.82 -10.59
CA GLU E 101 30.31 1.92 -9.49
C GLU E 101 30.66 2.45 -8.10
N GLU E 102 31.55 3.43 -8.06
CA GLU E 102 32.03 4.00 -6.79
C GLU E 102 31.22 5.22 -6.38
N ILE E 103 30.31 5.64 -7.27
CA ILE E 103 29.51 6.85 -7.06
C ILE E 103 28.04 6.54 -6.71
N GLY E 104 27.43 7.42 -5.94
CA GLY E 104 26.00 7.34 -5.64
C GLY E 104 25.35 8.67 -5.90
N PHE E 105 24.07 8.64 -6.23
CA PHE E 105 23.32 9.84 -6.53
C PHE E 105 21.94 9.75 -5.88
N ILE E 106 21.61 10.73 -5.05
CA ILE E 106 20.25 10.80 -4.50
C ILE E 106 19.40 11.84 -5.23
N GLY E 107 18.49 11.34 -6.06
CA GLY E 107 17.73 12.18 -6.98
C GLY E 107 16.26 12.40 -6.68
N ASP E 108 15.73 13.43 -7.32
CA ASP E 108 14.35 13.83 -7.15
C ASP E 108 13.70 14.17 -8.50
N ASP E 109 14.55 14.45 -9.50
CA ASP E 109 14.11 15.02 -10.76
C ASP E 109 14.42 14.16 -12.00
N VAL E 110 13.60 14.32 -13.04
CA VAL E 110 13.79 13.59 -14.31
C VAL E 110 15.13 13.88 -15.00
N VAL E 111 15.73 15.02 -14.66
CA VAL E 111 17.05 15.39 -15.18
C VAL E 111 18.13 14.49 -14.59
N ASP E 112 17.87 13.97 -13.38
CA ASP E 112 18.84 13.15 -12.66
C ASP E 112 19.01 11.76 -13.26
N ILE E 113 18.00 11.36 -14.04
CA ILE E 113 17.81 9.98 -14.47
C ILE E 113 18.98 9.41 -15.26
N GLU E 114 19.49 10.18 -16.22
CA GLU E 114 20.63 9.75 -17.03
C GLU E 114 21.87 9.47 -16.17
N VAL E 115 22.16 10.36 -15.22
CA VAL E 115 23.24 10.14 -14.24
C VAL E 115 22.96 8.93 -13.33
N LYS E 117 21.16 6.30 -14.00
CA LYS E 117 21.34 5.09 -14.84
C LYS E 117 22.77 4.57 -14.80
N LYS E 118 23.73 5.50 -14.81
CA LYS E 118 25.17 5.21 -14.82
C LYS E 118 25.72 4.81 -13.44
N VAL E 119 25.41 5.60 -12.41
CA VAL E 119 26.00 5.45 -11.06
C VAL E 119 25.71 4.11 -10.37
N GLY E 120 26.59 3.76 -9.42
CA GLY E 120 26.49 2.50 -8.71
C GLY E 120 25.43 2.49 -7.62
N PHE E 121 25.22 3.64 -6.96
CA PHE E 121 24.24 3.75 -5.87
C PHE E 121 23.18 4.82 -6.13
N PRO E 122 22.23 4.56 -7.06
CA PRO E 122 21.18 5.54 -7.33
C PRO E 122 20.07 5.45 -6.29
N VAL E 123 19.73 6.59 -5.70
CA VAL E 123 18.73 6.65 -4.65
C VAL E 123 17.61 7.59 -5.08
N ALA E 124 16.37 7.20 -4.81
CA ALA E 124 15.26 8.11 -4.97
C ALA E 124 14.61 8.39 -3.62
N VAL E 125 14.05 9.58 -3.49
CA VAL E 125 13.35 9.98 -2.30
C VAL E 125 11.90 9.49 -2.43
N ARG E 126 11.20 9.29 -1.30
CA ARG E 126 9.87 8.68 -1.30
C ARG E 126 8.87 9.25 -2.32
N ASN E 127 8.79 10.57 -2.40
CA ASN E 127 7.78 11.21 -3.23
C ASN E 127 8.26 11.68 -4.62
N ALA E 128 9.40 11.15 -5.05
CA ALA E 128 9.92 11.36 -6.41
C ALA E 128 8.96 10.79 -7.45
N VAL E 129 8.95 11.41 -8.63
CA VAL E 129 8.17 10.92 -9.77
C VAL E 129 8.62 9.49 -10.06
N GLU E 130 7.69 8.63 -10.47
CA GLU E 130 7.96 7.20 -10.61
C GLU E 130 9.13 6.91 -11.55
N GLU E 131 9.24 7.67 -12.64
CA GLU E 131 10.38 7.60 -13.56
C GLU E 131 11.74 7.63 -12.85
N VAL E 132 11.86 8.46 -11.83
CA VAL E 132 13.05 8.52 -10.98
C VAL E 132 13.15 7.36 -9.97
N ARG E 133 12.02 6.94 -9.38
CA ARG E 133 12.01 5.75 -8.52
C ARG E 133 12.37 4.44 -9.29
N LYS E 134 12.03 4.39 -10.57
CA LYS E 134 12.37 3.27 -11.46
C LYS E 134 13.87 2.96 -11.54
N VAL E 135 14.68 4.01 -11.46
CA VAL E 135 16.12 3.92 -11.73
C VAL E 135 16.97 3.94 -10.44
N ALA E 136 16.31 3.72 -9.31
CA ALA E 136 16.95 3.70 -8.01
C ALA E 136 17.04 2.30 -7.45
N VAL E 137 18.13 2.04 -6.73
CA VAL E 137 18.35 0.78 -6.05
C VAL E 137 17.73 0.84 -4.65
N TYR E 138 17.47 2.07 -4.19
CA TYR E 138 16.83 2.31 -2.91
C TYR E 138 15.93 3.52 -3.01
N ILE E 139 14.73 3.36 -2.49
CA ILE E 139 13.77 4.44 -2.30
C ILE E 139 13.66 4.68 -0.80
N THR E 140 13.95 5.91 -0.39
CA THR E 140 13.86 6.30 1.03
C THR E 140 12.42 6.35 1.54
N GLN E 141 12.28 6.18 2.84
CA GLN E 141 11.04 6.26 3.55
C GLN E 141 10.67 7.71 3.88
N ARG E 142 11.67 8.56 4.02
CA ARG E 142 11.45 10.00 4.21
C ARG E 142 11.12 10.70 2.89
N ASN E 143 10.21 11.65 2.96
CA ASN E 143 9.75 12.38 1.76
C ASN E 143 10.72 13.33 1.06
N GLY E 144 11.51 14.07 1.80
CA GLY E 144 11.75 15.37 1.27
C GLY E 144 12.81 16.10 1.98
N GLY E 145 12.44 16.86 2.98
CA GLY E 145 13.35 17.33 3.95
C GLY E 145 12.93 16.80 5.28
N GLU E 146 12.69 15.51 5.32
CA GLU E 146 12.36 14.80 6.55
C GLU E 146 13.54 14.14 7.21
N GLY E 147 14.67 14.15 6.54
CA GLY E 147 15.87 13.47 7.04
C GLY E 147 16.25 12.33 6.11
N ALA E 148 16.06 12.55 4.82
CA ALA E 148 16.33 11.56 3.78
C ALA E 148 17.82 11.25 3.60
N LEU E 149 18.66 12.26 3.77
CA LEU E 149 20.08 12.09 3.61
C LEU E 149 20.66 11.23 4.72
N ARG E 150 20.19 11.46 5.95
CA ARG E 150 20.51 10.63 7.11
C ARG E 150 20.07 9.20 6.91
N GLU E 151 18.91 9.00 6.29
CA GLU E 151 18.40 7.66 6.04
C GLU E 151 19.32 6.84 5.13
N VAL E 152 19.91 7.52 4.13
CA VAL E 152 20.89 6.89 3.24
C VAL E 152 22.18 6.57 4.01
N ALA E 153 22.59 7.48 4.89
CA ALA E 153 23.79 7.33 5.68
C ALA E 153 23.71 6.19 6.69
N GLU E 154 22.56 6.07 7.36
CA GLU E 154 22.30 4.93 8.28
C GLU E 154 22.41 3.59 7.57
N LEU E 155 21.78 3.53 6.39
CA LEU E 155 21.74 2.34 5.54
C LEU E 155 23.12 1.87 5.12
N ILE E 156 23.96 2.78 4.63
CA ILE E 156 25.36 2.52 4.27
C ILE E 156 26.14 1.98 5.48
N HIS E 157 25.89 2.56 6.65
CA HIS E 157 26.54 2.15 7.89
C HIS E 157 26.06 0.78 8.36
N PHE E 158 24.75 0.54 8.30
CA PHE E 158 24.20 -0.75 8.70
C PHE E 158 24.70 -1.87 7.78
N LEU E 159 24.68 -1.60 6.48
CA LEU E 159 25.01 -2.58 5.45
C LEU E 159 26.50 -2.88 5.36
N LYS E 160 27.31 -2.15 6.12
CA LYS E 160 28.75 -2.38 6.16
C LYS E 160 29.14 -3.74 6.73
N ASN E 161 28.61 -4.05 7.91
CA ASN E 161 29.20 -5.02 8.84
C ASN E 161 29.35 -4.40 10.19
N LEU F 2 1.38 -8.60 22.66
CA LEU F 2 1.39 -7.11 22.68
C LEU F 2 0.66 -6.59 23.93
N ARG F 3 -0.46 -7.21 24.25
CA ARG F 3 -1.18 -6.95 25.49
C ARG F 3 -0.40 -7.43 26.72
N ASP F 4 0.47 -8.43 26.53
CA ASP F 4 1.36 -8.93 27.56
C ASP F 4 2.52 -7.98 27.84
N ARG F 5 3.17 -7.53 26.77
CA ARG F 5 4.34 -6.66 26.84
C ARG F 5 4.02 -5.35 27.53
N VAL F 6 2.85 -4.82 27.21
CA VAL F 6 2.37 -3.54 27.70
C VAL F 6 2.02 -3.57 29.21
N LYS F 7 1.58 -4.72 29.72
CA LYS F 7 1.27 -4.88 31.15
C LYS F 7 2.49 -4.72 32.06
N LYS F 8 3.65 -5.18 31.60
CA LYS F 8 4.88 -5.18 32.37
C LYS F 8 5.60 -3.82 32.36
N LEU F 9 5.16 -2.93 31.46
CA LEU F 9 5.86 -1.67 31.17
C LEU F 9 5.90 -0.65 32.32
N LYS F 10 7.11 -0.25 32.68
CA LYS F 10 7.34 0.72 33.75
C LYS F 10 8.26 1.88 33.32
N LEU F 11 9.06 1.66 32.28
CA LEU F 11 9.93 2.71 31.73
C LEU F 11 9.86 2.78 30.20
N LEU F 12 9.72 3.99 29.67
CA LEU F 12 9.73 4.20 28.22
C LEU F 12 10.79 5.22 27.80
N ILE F 13 11.75 4.75 27.01
CA ILE F 13 12.85 5.57 26.51
C ILE F 13 12.52 5.99 25.09
N ASP F 15 14.05 8.52 21.47
CA ASP F 15 14.76 9.58 20.78
C ASP F 15 13.94 10.87 20.81
N ILE F 16 14.62 11.99 20.57
CA ILE F 16 13.98 13.27 20.34
C ILE F 16 13.78 13.53 18.84
N ASP F 17 14.88 13.55 18.09
CA ASP F 17 14.86 13.90 16.67
C ASP F 17 14.33 12.77 15.79
N GLY F 18 13.37 13.10 14.95
CA GLY F 18 12.70 12.12 14.12
C GLY F 18 11.57 11.40 14.84
N VAL F 19 11.47 11.63 16.15
CA VAL F 19 10.47 10.97 16.98
C VAL F 19 9.48 12.00 17.53
N LEU F 20 10.00 12.97 18.29
CA LEU F 20 9.23 14.08 18.84
C LEU F 20 9.21 15.23 17.84
N THR F 21 10.11 15.17 16.87
CA THR F 21 10.25 16.18 15.82
C THR F 21 10.34 15.49 14.46
N ASP F 22 10.16 16.26 13.39
CA ASP F 22 10.40 15.79 12.04
C ASP F 22 11.85 16.03 11.62
N GLY F 23 12.64 16.62 12.53
CA GLY F 23 14.04 16.97 12.29
C GLY F 23 14.28 18.36 11.74
N LYS F 24 13.20 19.08 11.39
CA LYS F 24 13.33 20.39 10.76
C LYS F 24 13.97 21.39 11.72
N LEU F 25 14.71 22.32 11.13
CA LEU F 25 15.28 23.45 11.88
C LEU F 25 14.81 24.71 11.17
N TYR F 26 14.06 25.53 11.89
CA TYR F 26 13.60 26.81 11.38
C TYR F 26 14.49 27.93 11.92
N TYR F 27 15.30 28.52 11.03
CA TYR F 27 16.11 29.72 11.33
C TYR F 27 15.83 30.82 10.32
N THR F 33 15.81 31.06 15.23
CA THR F 33 15.55 30.70 16.63
C THR F 33 14.10 30.20 16.86
N ILE F 34 13.64 29.29 15.99
CA ILE F 34 12.27 28.78 16.07
C ILE F 34 12.23 27.30 16.48
N LYS F 35 11.57 27.00 17.60
CA LYS F 35 11.39 25.63 18.09
C LYS F 35 9.97 25.12 17.79
N VAL F 36 9.89 23.89 17.28
CA VAL F 36 8.60 23.26 17.06
C VAL F 36 8.43 22.04 17.96
N PHE F 37 7.32 22.03 18.71
CA PHE F 37 6.98 20.90 19.57
C PHE F 37 5.53 20.51 19.39
N ASN F 38 5.28 19.21 19.42
CA ASN F 38 3.94 18.71 19.24
C ASN F 38 3.20 18.60 20.55
N VAL F 39 2.17 19.43 20.66
CA VAL F 39 1.25 19.51 21.79
C VAL F 39 0.60 18.16 22.13
N LEU F 40 0.37 17.33 21.11
CA LEU F 40 -0.17 15.98 21.31
C LEU F 40 0.78 15.11 22.12
N ASP F 41 2.08 15.31 21.90
CA ASP F 41 3.11 14.61 22.66
C ASP F 41 3.14 15.02 24.13
N GLY F 42 2.86 16.29 24.42
CA GLY F 42 2.65 16.79 25.78
C GLY F 42 1.53 16.07 26.50
N ILE F 43 0.41 15.88 25.81
CA ILE F 43 -0.74 15.12 26.31
C ILE F 43 -0.38 13.62 26.49
N GLY F 44 0.48 13.08 25.64
CA GLY F 44 0.93 11.71 25.71
C GLY F 44 1.83 11.46 26.91
N ILE F 45 2.72 12.43 27.19
CA ILE F 45 3.62 12.39 28.33
C ILE F 45 2.82 12.32 29.66
N LYS F 46 1.81 13.17 29.78
CA LYS F 46 0.98 13.24 31.00
C LYS F 46 0.18 11.95 31.20
N LEU F 47 -0.29 11.35 30.11
CA LEU F 47 -1.05 10.11 30.19
C LEU F 47 -0.15 8.98 30.69
N LEU F 48 1.07 8.93 30.16
CA LEU F 48 2.07 7.96 30.58
C LEU F 48 2.46 8.09 32.07
N GLN F 49 2.56 9.34 32.52
CA GLN F 49 2.82 9.70 33.92
C GLN F 49 1.65 9.35 34.85
N LYS F 50 0.41 9.53 34.36
CA LYS F 50 -0.81 9.12 35.07
C LYS F 50 -0.80 7.60 35.24
N GLY F 52 1.79 5.68 35.50
CA GLY F 52 2.90 5.19 36.35
C GLY F 52 4.13 4.76 35.56
N ILE F 53 4.22 5.24 34.32
CA ILE F 53 5.32 4.92 33.45
C ILE F 53 6.35 6.04 33.47
N THR F 54 7.59 5.69 33.83
CA THR F 54 8.71 6.62 33.86
C THR F 54 9.22 6.87 32.45
N LEU F 55 9.47 8.14 32.14
CA LEU F 55 9.97 8.55 30.83
C LEU F 55 11.45 8.90 30.81
N ALA F 56 12.13 8.52 29.74
CA ALA F 56 13.56 8.76 29.59
C ALA F 56 13.88 9.05 28.12
N VAL F 57 14.96 9.80 27.88
CA VAL F 57 15.46 10.00 26.51
C VAL F 57 16.93 9.64 26.40
N ILE F 58 17.29 8.91 25.33
CA ILE F 58 18.68 8.72 24.95
C ILE F 58 18.86 9.33 23.57
N SER F 59 19.49 10.50 23.54
CA SER F 59 19.70 11.26 22.32
C SER F 59 21.18 11.42 22.00
N GLY F 60 21.49 11.55 20.71
CA GLY F 60 22.84 11.89 20.26
C GLY F 60 22.84 13.21 19.51
N ALA F 64 18.02 18.76 21.11
CA ALA F 64 18.82 19.48 22.10
C ALA F 64 18.13 20.74 22.65
N PRO F 65 17.50 21.58 21.78
CA PRO F 65 16.64 22.65 22.30
C PRO F 65 15.30 22.18 22.90
N LEU F 66 14.86 20.98 22.57
CA LEU F 66 13.62 20.42 23.15
C LEU F 66 13.78 19.99 24.62
N ILE F 67 15.01 20.04 25.14
CA ILE F 67 15.33 19.57 26.49
C ILE F 67 14.63 20.34 27.60
N THR F 68 14.62 21.67 27.48
CA THR F 68 14.04 22.54 28.50
C THR F 68 12.53 22.31 28.59
N ARG F 69 11.86 22.18 27.45
CA ARG F 69 10.44 21.82 27.47
C ARG F 69 10.20 20.42 28.05
N LEU F 70 11.05 19.45 27.68
CA LEU F 70 10.96 18.09 28.22
C LEU F 70 11.11 18.00 29.74
N LYS F 71 12.12 18.68 30.29
CA LYS F 71 12.33 18.73 31.74
C LYS F 71 11.16 19.38 32.46
N GLU F 72 10.62 20.44 31.84
CA GLU F 72 9.44 21.13 32.36
C GLU F 72 8.20 20.26 32.36
N LEU F 73 8.18 19.28 31.46
CA LEU F 73 7.06 18.36 31.34
C LEU F 73 7.23 17.13 32.24
N GLY F 74 8.38 17.05 32.91
CA GLY F 74 8.69 16.04 33.92
C GLY F 74 9.53 14.86 33.47
N VAL F 75 10.22 14.98 32.34
CA VAL F 75 11.06 13.88 31.83
C VAL F 75 12.39 13.82 32.61
N GLU F 76 12.60 12.68 33.25
CA GLU F 76 13.71 12.48 34.19
C GLU F 76 15.08 12.27 33.55
N GLU F 77 15.28 11.06 33.03
CA GLU F 77 16.54 10.65 32.43
C GLU F 77 16.70 11.23 31.05
N ILE F 78 17.57 12.21 30.91
CA ILE F 78 17.90 12.81 29.63
C ILE F 78 19.40 12.68 29.34
N TYR F 79 19.74 11.87 28.34
CA TYR F 79 21.11 11.71 27.91
C TYR F 79 21.26 12.24 26.49
N THR F 80 22.26 13.09 26.26
CA THR F 80 22.44 13.74 24.96
C THR F 80 23.90 13.70 24.48
N GLY F 81 24.10 13.23 23.26
CA GLY F 81 25.38 13.36 22.57
C GLY F 81 26.32 12.16 22.55
N SER F 82 25.77 10.95 22.45
CA SER F 82 26.59 9.73 22.55
C SER F 82 26.63 8.86 21.28
N TYR F 83 25.49 8.25 20.93
CA TYR F 83 25.38 7.21 19.90
C TYR F 83 26.00 5.88 20.33
N LYS F 85 24.46 3.70 22.87
CA LYS F 85 23.14 3.75 23.50
C LYS F 85 22.87 2.54 24.39
N LEU F 86 23.61 1.46 24.16
CA LEU F 86 23.52 0.26 24.99
C LEU F 86 24.13 0.48 26.36
N GLU F 87 25.19 1.28 26.41
CA GLU F 87 25.91 1.57 27.65
C GLU F 87 25.09 2.47 28.56
N ILE F 88 24.25 3.30 27.93
CA ILE F 88 23.40 4.27 28.62
C ILE F 88 22.09 3.58 29.02
N TYR F 89 21.63 2.69 28.15
CA TYR F 89 20.47 1.86 28.46
C TYR F 89 20.73 1.00 29.69
N GLU F 90 21.94 0.45 29.75
CA GLU F 90 22.35 -0.49 30.78
C GLU F 90 22.41 0.15 32.17
N LYS F 91 22.77 1.43 32.22
CA LYS F 91 22.76 2.18 33.49
C LYS F 91 21.39 2.76 33.87
N ILE F 92 20.48 2.86 32.91
CA ILE F 92 19.08 3.20 33.20
C ILE F 92 18.43 1.99 33.87
N LYS F 93 18.78 0.82 33.35
CA LYS F 93 18.32 -0.47 33.85
C LYS F 93 18.79 -0.70 35.28
N GLU F 94 20.09 -0.51 35.52
CA GLU F 94 20.69 -0.63 36.86
C GLU F 94 20.07 0.36 37.84
N LYS F 95 19.86 1.60 37.37
CA LYS F 95 19.33 2.70 38.18
C LYS F 95 17.93 2.44 38.75
N TYR F 96 17.02 1.94 37.92
CA TYR F 96 15.62 1.73 38.31
C TYR F 96 15.32 0.29 38.70
N SER F 97 16.35 -0.56 38.69
CA SER F 97 16.23 -1.99 38.97
C SER F 97 15.14 -2.63 38.11
N LEU F 98 15.22 -2.39 36.82
CA LEU F 98 14.24 -2.91 35.88
C LEU F 98 14.84 -4.00 34.99
N LYS F 99 13.98 -4.89 34.54
CA LYS F 99 14.35 -5.90 33.56
C LYS F 99 14.11 -5.34 32.15
N ASP F 100 14.62 -6.05 31.13
CA ASP F 100 14.42 -5.70 29.74
C ASP F 100 12.93 -5.64 29.38
N GLU F 101 12.17 -6.61 29.92
CA GLU F 101 10.74 -6.79 29.62
C GLU F 101 9.85 -5.66 30.15
N GLU F 102 10.40 -4.88 31.10
CA GLU F 102 9.68 -3.78 31.72
C GLU F 102 9.94 -2.43 31.04
N ILE F 103 10.83 -2.43 30.05
CA ILE F 103 11.23 -1.22 29.36
C ILE F 103 10.74 -1.22 27.92
N GLY F 104 10.52 -0.02 27.40
CA GLY F 104 10.21 0.23 25.98
C GLY F 104 11.16 1.26 25.39
N PHE F 105 11.23 1.29 24.06
CA PHE F 105 12.07 2.24 23.34
C PHE F 105 11.38 2.70 22.04
N ILE F 106 11.32 4.02 21.86
CA ILE F 106 10.80 4.62 20.64
C ILE F 106 11.92 5.31 19.86
N GLY F 107 12.23 4.77 18.68
CA GLY F 107 13.32 5.27 17.85
C GLY F 107 13.02 5.31 16.38
N ASP F 108 13.99 5.79 15.60
CA ASP F 108 13.87 5.89 14.14
C ASP F 108 15.23 5.68 13.45
N ASP F 109 16.27 5.52 14.28
CA ASP F 109 17.66 5.36 13.82
C ASP F 109 18.27 3.97 14.09
N VAL F 110 19.11 3.52 13.16
CA VAL F 110 19.84 2.24 13.27
C VAL F 110 20.69 2.11 14.52
N VAL F 111 21.10 3.25 15.07
CA VAL F 111 21.80 3.27 16.35
C VAL F 111 20.91 2.78 17.52
N ASP F 112 19.58 2.80 17.32
CA ASP F 112 18.64 2.38 18.36
C ASP F 112 18.43 0.84 18.37
N ILE F 113 18.83 0.18 17.28
CA ILE F 113 18.46 -1.23 16.99
C ILE F 113 18.85 -2.23 18.07
N GLU F 114 20.08 -2.12 18.57
CA GLU F 114 20.60 -3.05 19.55
C GLU F 114 19.89 -2.95 20.89
N VAL F 115 19.59 -1.71 21.30
CA VAL F 115 18.77 -1.41 22.47
C VAL F 115 17.29 -1.83 22.30
N LYS F 117 16.27 -4.30 20.45
CA LYS F 117 16.25 -5.77 20.45
C LYS F 117 16.15 -6.36 21.86
N LYS F 118 16.70 -5.64 22.83
CA LYS F 118 16.65 -6.04 24.22
C LYS F 118 15.31 -5.72 24.89
N VAL F 119 14.77 -4.51 24.64
CA VAL F 119 13.58 -4.05 25.38
C VAL F 119 12.31 -4.86 25.08
N GLY F 120 11.37 -4.85 26.01
CA GLY F 120 10.11 -5.55 25.85
C GLY F 120 9.10 -4.88 24.93
N PHE F 121 9.20 -3.56 24.76
CA PHE F 121 8.26 -2.83 23.93
C PHE F 121 8.97 -1.86 22.97
N PRO F 122 9.61 -2.41 21.92
CA PRO F 122 10.32 -1.52 20.98
C PRO F 122 9.33 -0.93 19.99
N VAL F 123 9.41 0.38 19.78
CA VAL F 123 8.49 1.04 18.86
C VAL F 123 9.30 1.79 17.81
N ALA F 124 8.87 1.72 16.56
CA ALA F 124 9.44 2.54 15.50
C ALA F 124 8.38 3.47 14.91
N VAL F 125 8.82 4.60 14.39
CA VAL F 125 7.95 5.61 13.82
C VAL F 125 7.65 5.24 12.36
N ARG F 126 6.56 5.78 11.79
CA ARG F 126 6.11 5.41 10.45
C ARG F 126 7.23 5.47 9.41
N ASN F 127 7.91 6.61 9.34
CA ASN F 127 8.94 6.86 8.34
C ASN F 127 10.39 6.48 8.73
N ALA F 128 10.52 5.57 9.69
CA ALA F 128 11.83 5.03 10.06
C ALA F 128 12.32 4.03 9.01
N VAL F 129 13.65 3.88 8.95
CA VAL F 129 14.32 2.91 8.11
C VAL F 129 13.77 1.52 8.39
N GLU F 130 13.54 0.74 7.34
CA GLU F 130 13.01 -0.61 7.48
C GLU F 130 13.76 -1.47 8.52
N GLU F 131 15.06 -1.25 8.64
CA GLU F 131 15.93 -1.94 9.59
C GLU F 131 15.50 -1.76 11.04
N VAL F 132 15.08 -0.54 11.34
CA VAL F 132 14.53 -0.11 12.63
C VAL F 132 13.08 -0.63 12.81
N ARG F 133 12.29 -0.56 11.74
CA ARG F 133 10.90 -1.00 11.77
C ARG F 133 10.71 -2.51 11.98
N LYS F 134 11.65 -3.31 11.46
CA LYS F 134 11.53 -4.77 11.53
C LYS F 134 11.85 -5.36 12.92
N VAL F 135 12.49 -4.53 13.74
CA VAL F 135 12.82 -4.86 15.11
C VAL F 135 11.79 -4.26 16.09
N ALA F 136 10.80 -3.55 15.56
CA ALA F 136 9.71 -2.98 16.38
C ALA F 136 8.53 -3.93 16.54
N VAL F 137 7.98 -3.97 17.76
CA VAL F 137 6.75 -4.71 18.00
C VAL F 137 5.53 -3.92 17.50
N TYR F 138 5.66 -2.59 17.49
CA TYR F 138 4.63 -1.72 17.00
C TYR F 138 5.23 -0.59 16.19
N ILE F 139 4.60 -0.27 15.07
CA ILE F 139 4.98 0.85 14.23
C ILE F 139 3.85 1.89 14.21
N THR F 140 4.18 3.12 14.58
CA THR F 140 3.18 4.18 14.66
C THR F 140 2.62 4.57 13.30
N GLN F 141 1.39 5.06 13.31
CA GLN F 141 0.72 5.64 12.15
C GLN F 141 1.17 7.08 11.90
N ARG F 142 1.58 7.76 12.96
CA ARG F 142 2.12 9.10 12.87
C ARG F 142 3.61 9.10 12.46
N ASN F 143 4.01 10.11 11.69
CA ASN F 143 5.37 10.22 11.15
C ASN F 143 6.41 10.75 12.13
N GLY F 144 5.99 11.37 13.23
CA GLY F 144 6.98 11.94 14.13
C GLY F 144 7.14 13.43 13.94
N GLY F 145 6.98 14.16 15.03
CA GLY F 145 6.60 15.56 14.97
C GLY F 145 5.11 15.68 14.71
N GLU F 146 4.44 14.55 14.51
CA GLU F 146 2.99 14.54 14.29
C GLU F 146 2.23 14.13 15.53
N GLY F 147 2.94 13.60 16.53
CA GLY F 147 2.30 13.16 17.77
C GLY F 147 2.44 11.67 18.05
N ALA F 148 3.57 11.07 17.65
CA ALA F 148 3.81 9.63 17.75
C ALA F 148 3.88 9.12 19.19
N LEU F 149 4.27 10.01 20.10
CA LEU F 149 4.27 9.72 21.53
C LEU F 149 2.85 9.72 22.15
N ARG F 150 1.96 10.57 21.65
CA ARG F 150 0.54 10.45 22.01
C ARG F 150 -0.01 9.09 21.56
N GLU F 151 0.39 8.67 20.37
CA GLU F 151 -0.09 7.41 19.81
C GLU F 151 0.30 6.19 20.66
N VAL F 152 1.56 6.15 21.10
CA VAL F 152 2.09 5.08 21.92
C VAL F 152 1.42 5.05 23.31
N ALA F 153 1.29 6.23 23.92
CA ALA F 153 0.53 6.41 25.15
C ALA F 153 -0.90 5.87 25.07
N GLU F 154 -1.59 6.17 23.96
CA GLU F 154 -3.01 5.81 23.85
C GLU F 154 -3.20 4.33 23.51
N LEU F 155 -2.22 3.76 22.80
CA LEU F 155 -2.16 2.31 22.57
C LEU F 155 -2.00 1.51 23.86
N ILE F 156 -1.07 1.94 24.70
CA ILE F 156 -0.81 1.30 25.98
C ILE F 156 -2.08 1.33 26.83
N HIS F 157 -2.68 2.52 26.95
CA HIS F 157 -3.96 2.67 27.64
C HIS F 157 -5.05 1.75 27.09
N PHE F 158 -5.21 1.74 25.76
CA PHE F 158 -6.25 0.91 25.15
C PHE F 158 -6.06 -0.58 25.47
N LEU F 159 -4.82 -1.05 25.31
CA LEU F 159 -4.48 -2.45 25.44
C LEU F 159 -4.51 -2.92 26.89
N LYS F 160 -4.65 -1.95 27.78
CA LYS F 160 -4.71 -2.17 29.22
C LYS F 160 -6.12 -2.12 29.75
N ASN F 161 -6.92 -1.18 29.23
CA ASN F 161 -8.12 -0.72 29.92
C ASN F 161 -8.72 0.46 29.19
N ALA G 1 -23.73 1.89 3.17
CA ALA G 1 -22.78 2.68 2.33
C ALA G 1 -22.75 4.14 2.77
N LEU G 2 -21.71 4.87 2.37
CA LEU G 2 -21.54 6.27 2.77
C LEU G 2 -22.79 7.13 2.53
N ARG G 3 -23.45 6.89 1.40
CA ARG G 3 -24.54 7.73 0.93
C ARG G 3 -25.78 7.71 1.82
N ASP G 4 -26.01 6.58 2.47
CA ASP G 4 -27.14 6.39 3.38
C ASP G 4 -26.94 7.21 4.65
N ARG G 5 -25.71 7.19 5.17
CA ARG G 5 -25.33 7.84 6.42
C ARG G 5 -25.16 9.36 6.29
N VAL G 6 -24.64 9.80 5.14
CA VAL G 6 -24.49 11.22 4.82
C VAL G 6 -25.88 11.85 4.62
N LYS G 7 -26.84 11.02 4.21
CA LYS G 7 -28.22 11.44 3.94
C LYS G 7 -28.98 11.83 5.22
N LYS G 8 -28.68 11.15 6.32
CA LYS G 8 -29.34 11.44 7.59
C LYS G 8 -28.65 12.57 8.37
N LEU G 9 -27.40 12.85 8.00
CA LEU G 9 -26.50 13.75 8.74
C LEU G 9 -27.02 15.18 8.98
N LYS G 10 -27.08 15.56 10.25
CA LYS G 10 -27.54 16.89 10.63
C LYS G 10 -26.55 17.59 11.56
N LEU G 11 -25.75 16.79 12.28
CA LEU G 11 -24.81 17.33 13.26
C LEU G 11 -23.48 16.61 13.22
N LEU G 12 -22.40 17.37 13.08
CA LEU G 12 -21.05 16.82 13.02
C LEU G 12 -20.15 17.33 14.16
N ILE G 13 -19.65 16.40 14.97
CA ILE G 13 -18.73 16.71 16.09
C ILE G 13 -17.26 16.47 15.67
N ASP G 15 -12.67 16.86 16.94
CA ASP G 15 -11.63 16.87 18.00
C ASP G 15 -10.69 18.09 18.12
N ILE G 16 -10.44 18.80 17.02
CA ILE G 16 -9.35 19.82 16.94
C ILE G 16 -7.93 19.25 16.94
N ASP G 17 -7.54 18.66 18.07
CA ASP G 17 -6.22 18.05 18.29
C ASP G 17 -5.99 16.84 17.39
N GLY G 18 -5.12 17.00 16.39
CA GLY G 18 -4.83 15.94 15.42
C GLY G 18 -5.82 15.82 14.27
N VAL G 19 -6.84 16.67 14.30
CA VAL G 19 -7.90 16.69 13.29
C VAL G 19 -7.88 18.02 12.52
N LEU G 20 -8.00 19.11 13.27
CA LEU G 20 -7.94 20.46 12.71
C LEU G 20 -6.50 20.99 12.75
N THR G 21 -5.65 20.22 13.43
CA THR G 21 -4.31 20.60 13.83
C THR G 21 -3.39 19.40 13.65
N ASP G 22 -2.13 19.64 13.31
CA ASP G 22 -1.14 18.56 13.28
C ASP G 22 -0.47 18.37 14.65
N GLY G 23 -0.76 19.26 15.58
CA GLY G 23 -0.22 19.22 16.93
C GLY G 23 0.95 20.17 17.11
N LYS G 24 1.54 20.59 15.99
CA LYS G 24 2.75 21.39 16.04
C LYS G 24 2.51 22.78 16.61
N LEU G 25 3.31 23.09 17.64
CA LEU G 25 3.36 24.42 18.25
C LEU G 25 4.68 25.06 17.87
N TYR G 26 4.59 26.23 17.26
CA TYR G 26 5.77 26.94 16.80
C TYR G 26 6.07 28.07 17.78
N TYR G 27 7.27 28.03 18.37
CA TYR G 27 7.69 29.03 19.35
C TYR G 27 9.19 29.30 19.33
N THR G 33 5.33 32.47 20.27
CA THR G 33 4.29 31.66 19.62
C THR G 33 3.87 32.21 18.24
N ILE G 34 4.48 31.66 17.20
CA ILE G 34 4.18 32.04 15.82
C ILE G 34 3.35 30.95 15.17
N LYS G 35 2.65 30.18 16.00
CA LYS G 35 1.91 29.03 15.50
C LYS G 35 0.60 29.50 14.84
N VAL G 36 0.17 28.73 13.83
CA VAL G 36 -1.04 29.03 13.05
C VAL G 36 -1.53 27.88 12.14
N PHE G 37 -2.72 28.05 11.56
CA PHE G 37 -3.49 26.91 11.08
C PHE G 37 -4.05 26.98 9.65
N ASN G 38 -4.87 25.98 9.31
CA ASN G 38 -5.24 25.65 7.93
C ASN G 38 -6.50 26.37 7.42
N VAL G 39 -6.46 26.82 6.17
CA VAL G 39 -7.54 27.60 5.55
C VAL G 39 -8.56 26.71 4.83
N LEU G 40 -8.13 25.55 4.33
CA LEU G 40 -9.05 24.55 3.78
C LEU G 40 -10.16 24.18 4.76
N ASP G 41 -9.80 23.99 6.03
CA ASP G 41 -10.76 23.65 7.07
C ASP G 41 -11.76 24.74 7.35
N GLY G 42 -11.31 25.99 7.27
CA GLY G 42 -12.20 27.15 7.34
C GLY G 42 -13.24 27.17 6.23
N ILE G 43 -12.82 26.76 5.03
CA ILE G 43 -13.73 26.69 3.88
C ILE G 43 -14.66 25.46 3.99
N GLY G 44 -14.16 24.35 4.53
CA GLY G 44 -14.98 23.21 4.90
C GLY G 44 -16.05 23.54 5.93
N ILE G 45 -15.70 24.37 6.92
CA ILE G 45 -16.63 24.80 7.98
C ILE G 45 -17.77 25.66 7.41
N LYS G 46 -17.41 26.62 6.56
CA LYS G 46 -18.37 27.45 5.82
C LYS G 46 -19.34 26.57 5.02
N LEU G 47 -18.79 25.61 4.29
CA LEU G 47 -19.58 24.66 3.50
C LEU G 47 -20.57 23.82 4.32
N LEU G 48 -20.19 23.42 5.52
CA LEU G 48 -21.08 22.62 6.39
C LEU G 48 -22.21 23.47 6.97
N GLN G 49 -21.87 24.69 7.38
CA GLN G 49 -22.84 25.65 7.91
C GLN G 49 -23.82 26.11 6.83
N LYS G 50 -23.36 26.20 5.59
CA LYS G 50 -24.25 26.51 4.46
C LYS G 50 -25.14 25.31 4.10
N GLY G 52 -26.52 23.41 6.25
CA GLY G 52 -27.48 23.25 7.35
C GLY G 52 -27.08 22.19 8.34
N ILE G 53 -25.79 21.89 8.39
CA ILE G 53 -25.23 20.96 9.37
C ILE G 53 -24.67 21.76 10.56
N THR G 54 -25.13 21.40 11.76
CA THR G 54 -24.68 22.00 13.00
C THR G 54 -23.30 21.44 13.35
N LEU G 55 -22.41 22.30 13.83
CA LEU G 55 -21.04 21.89 14.15
C LEU G 55 -20.77 21.96 15.66
N ALA G 56 -20.12 20.92 16.15
CA ALA G 56 -19.79 20.78 17.56
C ALA G 56 -18.33 20.38 17.76
N VAL G 57 -17.82 20.59 18.97
CA VAL G 57 -16.45 20.19 19.31
C VAL G 57 -16.32 19.70 20.76
N ILE G 58 -15.72 18.52 20.89
CA ILE G 58 -15.45 17.90 22.18
C ILE G 58 -13.95 17.64 22.22
N SER G 59 -13.21 18.63 22.74
CA SER G 59 -11.76 18.57 22.81
C SER G 59 -11.31 18.17 24.21
N GLY G 60 -10.23 17.38 24.27
CA GLY G 60 -9.60 16.99 25.53
C GLY G 60 -8.78 18.12 26.15
N ARG G 61 -8.08 18.86 25.29
CA ARG G 61 -7.27 19.98 25.74
C ARG G 61 -8.11 21.25 25.86
N ASP G 62 -7.97 21.94 26.99
CA ASP G 62 -8.63 23.22 27.22
C ASP G 62 -7.69 24.33 26.77
N SER G 63 -7.71 24.61 25.46
CA SER G 63 -6.76 25.54 24.84
C SER G 63 -7.24 27.00 24.77
N LEU G 66 -7.30 28.77 21.08
CA LEU G 66 -7.67 28.25 19.76
C LEU G 66 -9.13 27.77 19.69
N ILE G 67 -9.88 27.97 20.77
CA ILE G 67 -11.33 27.90 20.69
C ILE G 67 -11.79 29.17 19.97
N THR G 68 -10.94 30.18 20.00
CA THR G 68 -11.16 31.49 19.38
C THR G 68 -11.27 31.41 17.85
N ARG G 69 -10.42 30.58 17.24
CA ARG G 69 -10.49 30.34 15.80
C ARG G 69 -11.82 29.67 15.42
N LEU G 70 -12.26 28.75 16.28
CA LEU G 70 -13.52 28.04 16.10
C LEU G 70 -14.72 28.96 16.31
N LYS G 71 -14.75 29.69 17.44
CA LYS G 71 -15.72 30.78 17.69
C LYS G 71 -15.79 31.70 16.48
N GLU G 72 -14.63 32.14 16.02
CA GLU G 72 -14.47 33.06 14.89
C GLU G 72 -15.02 32.52 13.57
N LEU G 73 -14.91 31.20 13.37
CA LEU G 73 -15.41 30.56 12.17
C LEU G 73 -16.90 30.21 12.30
N GLY G 74 -17.41 30.31 13.52
CA GLY G 74 -18.84 30.19 13.78
C GLY G 74 -19.29 28.89 14.38
N VAL G 75 -18.36 28.15 15.00
CA VAL G 75 -18.68 26.86 15.62
C VAL G 75 -19.61 27.01 16.83
N GLU G 76 -20.67 26.21 16.82
CA GLU G 76 -21.76 26.31 17.78
C GLU G 76 -21.45 25.73 19.18
N GLU G 77 -21.51 24.41 19.31
CA GLU G 77 -21.25 23.75 20.59
C GLU G 77 -19.77 23.59 20.83
N ILE G 78 -19.29 24.06 21.98
CA ILE G 78 -17.87 23.88 22.31
C ILE G 78 -17.70 23.34 23.73
N TYR G 79 -17.12 22.14 23.80
CA TYR G 79 -16.79 21.51 25.06
C TYR G 79 -15.29 21.25 25.08
N THR G 80 -14.64 21.71 26.13
CA THR G 80 -13.17 21.63 26.25
C THR G 80 -12.73 21.23 27.65
N GLY G 81 -11.58 20.55 27.74
CA GLY G 81 -11.02 20.09 29.01
C GLY G 81 -11.50 18.70 29.43
N LYS G 85 -16.12 12.27 24.83
CA LYS G 85 -16.70 11.64 26.03
C LYS G 85 -18.21 11.46 25.89
N LEU G 86 -18.70 10.37 26.46
CA LEU G 86 -20.07 9.91 26.27
C LEU G 86 -21.13 10.78 26.92
N GLU G 87 -20.85 11.26 28.12
CA GLU G 87 -21.78 12.13 28.86
C GLU G 87 -22.00 13.48 28.17
N ILE G 88 -20.91 14.04 27.62
CA ILE G 88 -20.93 15.27 26.82
C ILE G 88 -21.70 15.09 25.51
N TYR G 89 -21.41 13.99 24.79
CA TYR G 89 -22.13 13.61 23.57
C TYR G 89 -23.64 13.50 23.77
N GLU G 90 -24.04 12.89 24.90
CA GLU G 90 -25.47 12.74 25.27
C GLU G 90 -26.15 14.08 25.55
N LYS G 91 -25.37 15.05 26.02
CA LYS G 91 -25.84 16.42 26.23
C LYS G 91 -26.24 17.09 24.93
N ILE G 92 -25.43 16.89 23.90
CA ILE G 92 -25.64 17.47 22.58
C ILE G 92 -26.84 16.82 21.89
N LYS G 93 -26.94 15.50 22.07
CA LYS G 93 -28.01 14.71 21.48
C LYS G 93 -29.39 15.16 21.97
N GLU G 94 -29.48 15.49 23.26
CA GLU G 94 -30.76 15.94 23.83
C GLU G 94 -31.07 17.41 23.52
N LYS G 95 -30.04 18.26 23.54
CA LYS G 95 -30.18 19.67 23.20
C LYS G 95 -30.75 19.88 21.79
N TYR G 96 -30.27 19.08 20.83
CA TYR G 96 -30.69 19.22 19.43
C TYR G 96 -31.77 18.23 19.01
N SER G 97 -32.21 17.40 19.97
CA SER G 97 -33.24 16.40 19.74
C SER G 97 -32.95 15.54 18.51
N LEU G 98 -31.80 14.90 18.53
CA LEU G 98 -31.35 14.08 17.41
C LEU G 98 -31.15 12.65 17.84
N LYS G 99 -31.27 11.74 16.88
CA LYS G 99 -30.86 10.35 17.11
C LYS G 99 -29.37 10.15 16.78
N ASP G 100 -28.81 9.04 17.26
CA ASP G 100 -27.47 8.60 16.90
C ASP G 100 -27.20 8.67 15.39
N GLU G 101 -28.17 8.20 14.59
CA GLU G 101 -28.08 8.11 13.11
C GLU G 101 -27.87 9.46 12.38
N GLU G 102 -28.28 10.54 13.03
CA GLU G 102 -28.21 11.89 12.47
C GLU G 102 -26.92 12.62 12.87
N ILE G 103 -26.08 11.95 13.64
CA ILE G 103 -24.86 12.58 14.16
C ILE G 103 -23.61 11.93 13.54
N GLY G 104 -22.60 12.77 13.30
CA GLY G 104 -21.30 12.32 12.84
C GLY G 104 -20.25 12.74 13.84
N PHE G 105 -19.08 12.11 13.75
CA PHE G 105 -17.97 12.39 14.66
C PHE G 105 -16.63 12.13 13.97
N ILE G 106 -15.85 13.19 13.77
CA ILE G 106 -14.47 13.07 13.28
C ILE G 106 -13.45 13.07 14.42
N GLY G 107 -12.72 11.95 14.56
CA GLY G 107 -11.81 11.74 15.68
C GLY G 107 -10.44 11.23 15.28
N ASP G 108 -9.53 11.23 16.25
CA ASP G 108 -8.21 10.62 16.07
C ASP G 108 -7.70 10.04 17.39
N ASP G 109 -8.55 10.10 18.41
CA ASP G 109 -8.20 9.68 19.77
C ASP G 109 -8.99 8.46 20.25
N VAL G 110 -8.34 7.66 21.09
CA VAL G 110 -8.89 6.43 21.62
C VAL G 110 -10.10 6.67 22.56
N VAL G 111 -10.15 7.85 23.18
CA VAL G 111 -11.29 8.23 24.01
C VAL G 111 -12.53 8.59 23.18
N ASP G 112 -12.33 8.81 21.87
CA ASP G 112 -13.42 9.08 20.93
C ASP G 112 -14.18 7.83 20.49
N ILE G 113 -13.52 6.68 20.62
CA ILE G 113 -14.02 5.42 20.05
C ILE G 113 -15.47 5.08 20.43
N GLU G 114 -15.81 5.22 21.70
CA GLU G 114 -17.14 4.79 22.19
C GLU G 114 -18.31 5.64 21.67
N VAL G 115 -18.07 6.95 21.52
CA VAL G 115 -19.02 7.83 20.83
C VAL G 115 -19.05 7.55 19.32
N LYS G 117 -18.61 4.66 17.84
CA LYS G 117 -19.36 3.42 17.63
C LYS G 117 -20.86 3.67 17.60
N LYS G 118 -21.30 4.74 18.25
CA LYS G 118 -22.72 5.09 18.36
C LYS G 118 -23.26 5.88 17.16
N VAL G 119 -22.52 6.90 16.72
CA VAL G 119 -22.97 7.83 15.67
C VAL G 119 -23.10 7.18 14.28
N GLY G 120 -23.87 7.81 13.41
CA GLY G 120 -24.10 7.30 12.08
C GLY G 120 -23.01 7.64 11.08
N PHE G 121 -22.24 8.70 11.32
CA PHE G 121 -21.14 9.07 10.44
C PHE G 121 -19.77 9.22 11.16
N PRO G 122 -19.20 8.11 11.68
CA PRO G 122 -17.88 8.26 12.30
C PRO G 122 -16.71 8.36 11.32
N VAL G 123 -15.91 9.39 11.49
CA VAL G 123 -14.75 9.66 10.63
C VAL G 123 -13.42 9.63 11.41
N ALA G 124 -12.43 8.99 10.81
CA ALA G 124 -11.07 9.01 11.32
C ALA G 124 -10.16 9.73 10.34
N VAL G 125 -9.17 10.46 10.85
CA VAL G 125 -8.14 11.05 10.01
C VAL G 125 -7.15 9.96 9.56
N ARG G 126 -6.36 10.27 8.53
CA ARG G 126 -5.48 9.28 7.90
C ARG G 126 -4.45 8.63 8.85
N ASN G 127 -3.80 9.43 9.68
CA ASN G 127 -2.76 8.94 10.58
C ASN G 127 -3.22 8.68 12.02
N ALA G 128 -4.52 8.56 12.22
CA ALA G 128 -5.08 8.07 13.47
C ALA G 128 -4.65 6.63 13.72
N VAL G 129 -4.64 6.24 14.99
CA VAL G 129 -4.31 4.88 15.41
C VAL G 129 -5.34 3.89 14.83
N GLU G 130 -4.89 2.69 14.46
CA GLU G 130 -5.77 1.69 13.79
C GLU G 130 -7.07 1.44 14.56
N GLU G 131 -6.94 1.34 15.87
CA GLU G 131 -8.06 1.21 16.79
C GLU G 131 -9.22 2.19 16.54
N VAL G 132 -8.87 3.46 16.30
CA VAL G 132 -9.83 4.51 15.96
C VAL G 132 -10.31 4.37 14.52
N ARG G 133 -9.38 4.08 13.61
CA ARG G 133 -9.69 3.93 12.20
C ARG G 133 -10.66 2.77 11.87
N LYS G 134 -10.70 1.72 12.68
CA LYS G 134 -11.56 0.60 12.34
C LYS G 134 -13.01 0.75 12.81
N VAL G 135 -13.23 1.79 13.58
CA VAL G 135 -14.55 2.16 14.08
C VAL G 135 -15.18 3.19 13.13
N ALA G 136 -14.39 3.72 12.20
CA ALA G 136 -14.84 4.74 11.25
C ALA G 136 -15.52 4.19 10.00
N VAL G 137 -16.53 4.90 9.52
CA VAL G 137 -17.14 4.59 8.22
C VAL G 137 -16.31 5.21 7.08
N TYR G 138 -15.64 6.30 7.40
CA TYR G 138 -14.80 6.97 6.44
C TYR G 138 -13.47 7.35 7.05
N ILE G 139 -12.40 6.96 6.37
CA ILE G 139 -11.05 7.36 6.74
C ILE G 139 -10.56 8.39 5.71
N THR G 140 -10.12 9.54 6.17
CA THR G 140 -9.73 10.61 5.28
C THR G 140 -8.39 10.34 4.62
N GLN G 141 -8.18 10.98 3.48
CA GLN G 141 -6.94 10.89 2.73
C GLN G 141 -5.92 11.89 3.28
N ARG G 142 -6.42 12.96 3.88
CA ARG G 142 -5.60 13.95 4.59
C ARG G 142 -5.34 13.60 6.07
N ASN G 143 -4.19 14.02 6.56
CA ASN G 143 -3.69 13.65 7.90
C ASN G 143 -4.28 14.45 9.09
N GLY G 144 -5.03 15.51 8.83
CA GLY G 144 -5.50 16.32 9.96
C GLY G 144 -4.49 17.40 10.25
N GLY G 145 -4.91 18.65 10.07
CA GLY G 145 -4.01 19.77 9.92
C GLY G 145 -3.81 20.02 8.44
N GLU G 146 -3.92 18.97 7.64
CA GLU G 146 -3.76 19.01 6.19
C GLU G 146 -5.03 19.38 5.44
N GLY G 147 -6.15 19.48 6.16
CA GLY G 147 -7.43 19.89 5.58
C GLY G 147 -8.49 18.79 5.59
N ALA G 148 -8.53 17.99 6.65
CA ALA G 148 -9.46 16.86 6.76
C ALA G 148 -10.94 17.29 6.74
N LEU G 149 -11.23 18.38 7.44
CA LEU G 149 -12.55 18.94 7.56
C LEU G 149 -13.13 19.42 6.22
N ARG G 150 -12.28 19.96 5.35
CA ARG G 150 -12.66 20.31 3.99
C ARG G 150 -13.02 19.07 3.19
N GLU G 151 -12.17 18.05 3.30
CA GLU G 151 -12.38 16.73 2.68
C GLU G 151 -13.73 16.09 3.08
N VAL G 152 -14.02 16.08 4.38
CA VAL G 152 -15.30 15.62 4.91
C VAL G 152 -16.50 16.42 4.33
N ALA G 153 -16.45 17.75 4.45
CA ALA G 153 -17.51 18.66 3.95
C ALA G 153 -17.77 18.53 2.45
N GLU G 154 -16.72 18.16 1.73
CA GLU G 154 -16.75 18.07 0.30
C GLU G 154 -17.24 16.70 -0.16
N LEU G 155 -17.01 15.70 0.68
CA LEU G 155 -17.56 14.36 0.48
C LEU G 155 -19.06 14.37 0.77
N ILE G 156 -19.45 15.04 1.86
CA ILE G 156 -20.85 15.25 2.23
C ILE G 156 -21.66 15.97 1.13
N HIS G 157 -21.07 17.02 0.55
CA HIS G 157 -21.69 17.81 -0.51
C HIS G 157 -21.87 16.99 -1.76
N PHE G 158 -20.83 16.24 -2.12
CA PHE G 158 -20.83 15.37 -3.28
C PHE G 158 -21.86 14.23 -3.21
N LEU G 159 -21.91 13.56 -2.06
CA LEU G 159 -22.71 12.34 -1.89
C LEU G 159 -24.23 12.54 -1.85
N ALA H 1 -1.35 5.66 -24.27
CA ALA H 1 -2.42 6.03 -23.29
C ALA H 1 -2.16 7.41 -22.67
N LEU H 2 -1.17 7.49 -21.79
CA LEU H 2 -0.79 8.72 -21.12
C LEU H 2 -0.01 9.63 -22.08
N ARG H 3 0.82 9.02 -22.92
CA ARG H 3 1.64 9.72 -23.90
C ARG H 3 0.81 10.30 -25.05
N ASP H 4 -0.36 9.71 -25.25
CA ASP H 4 -1.32 10.15 -26.25
C ASP H 4 -2.07 11.41 -25.79
N ARG H 5 -2.31 11.49 -24.49
CA ARG H 5 -2.94 12.66 -23.91
C ARG H 5 -1.98 13.83 -23.85
N VAL H 6 -0.76 13.55 -23.40
CA VAL H 6 0.29 14.55 -23.27
C VAL H 6 0.64 15.17 -24.64
N LYS H 7 0.55 14.35 -25.70
CA LYS H 7 0.89 14.79 -27.04
C LYS H 7 0.05 15.98 -27.50
N LYS H 8 -1.25 15.95 -27.18
CA LYS H 8 -2.22 16.98 -27.62
C LYS H 8 -2.25 18.21 -26.70
N LEU H 9 -1.60 18.11 -25.54
CA LEU H 9 -1.69 19.12 -24.49
C LEU H 9 -1.10 20.48 -24.92
N LYS H 10 -1.91 21.52 -24.79
CA LYS H 10 -1.51 22.87 -25.14
C LYS H 10 -1.83 23.90 -24.05
N LEU H 11 -2.67 23.52 -23.10
CA LEU H 11 -3.01 24.39 -22.00
C LEU H 11 -3.26 23.56 -20.73
N LEU H 12 -2.68 24.01 -19.62
CA LEU H 12 -2.85 23.40 -18.32
C LEU H 12 -3.49 24.37 -17.31
N ILE H 13 -4.76 24.13 -16.97
CA ILE H 13 -5.46 24.85 -15.90
C ILE H 13 -5.15 24.20 -14.55
N ASP H 15 -5.65 24.51 -9.91
CA ASP H 15 -6.18 25.09 -8.69
C ASP H 15 -5.02 25.73 -7.94
N ILE H 16 -5.36 26.51 -6.92
CA ILE H 16 -4.40 27.04 -5.95
C ILE H 16 -4.37 26.16 -4.71
N ASP H 17 -5.50 26.10 -4.02
CA ASP H 17 -5.63 25.41 -2.74
C ASP H 17 -5.52 23.91 -2.92
N GLY H 18 -4.62 23.30 -2.14
CA GLY H 18 -4.39 21.86 -2.17
C GLY H 18 -3.48 21.38 -3.29
N VAL H 19 -3.10 22.28 -4.19
CA VAL H 19 -2.27 21.94 -5.34
C VAL H 19 -0.96 22.70 -5.29
N LEU H 20 -1.06 24.01 -5.05
CA LEU H 20 0.09 24.89 -4.90
C LEU H 20 0.43 25.10 -3.42
N THR H 21 -0.53 24.79 -2.55
CA THR H 21 -0.38 24.87 -1.09
C THR H 21 -0.88 23.61 -0.42
N ASP H 22 -0.56 23.44 0.86
CA ASP H 22 -1.12 22.39 1.69
C ASP H 22 -2.30 22.93 2.49
N GLY H 23 -2.68 24.19 2.20
CA GLY H 23 -3.78 24.84 2.92
C GLY H 23 -3.39 25.63 4.15
N LYS H 24 -2.16 25.43 4.64
CA LYS H 24 -1.73 26.08 5.90
C LYS H 24 -1.47 27.57 5.76
N LEU H 25 -1.89 28.33 6.77
CA LEU H 25 -1.59 29.76 6.88
C LEU H 25 -0.72 29.97 8.11
N TYR H 26 0.27 30.83 7.97
CA TYR H 26 1.20 31.13 9.05
C TYR H 26 1.12 32.61 9.46
N TYR H 27 0.98 32.88 10.76
CA TYR H 27 0.80 34.24 11.26
C TYR H 27 1.74 34.62 12.40
N THR H 28 2.57 35.62 12.16
CA THR H 28 3.40 36.25 13.19
C THR H 28 2.54 37.25 13.97
N GLU H 29 2.53 37.10 15.29
CA GLU H 29 1.78 37.99 16.20
C GLU H 29 2.30 39.42 16.21
N GLU H 32 0.66 39.57 11.31
CA GLU H 32 1.48 39.35 10.12
C GLU H 32 1.23 37.97 9.54
N THR H 33 1.73 37.76 8.32
CA THR H 33 1.57 36.48 7.63
C THR H 33 2.91 36.03 7.03
N ILE H 34 3.33 34.81 7.36
CA ILE H 34 4.47 34.20 6.68
C ILE H 34 4.01 33.59 5.36
N LYS H 35 4.57 34.11 4.28
CA LYS H 35 4.28 33.66 2.92
C LYS H 35 4.94 32.31 2.68
N VAL H 36 4.19 31.38 2.10
CA VAL H 36 4.75 30.08 1.71
C VAL H 36 4.51 29.77 0.21
N PHE H 37 5.60 29.68 -0.54
CA PHE H 37 5.56 29.24 -1.93
C PHE H 37 6.60 28.16 -2.17
N ASN H 38 6.22 27.12 -2.92
CA ASN H 38 7.16 26.07 -3.27
C ASN H 38 8.04 26.46 -4.46
N VAL H 39 9.35 26.44 -4.22
CA VAL H 39 10.40 26.79 -5.19
C VAL H 39 10.39 25.90 -6.45
N LEU H 40 10.06 24.63 -6.25
CA LEU H 40 9.95 23.66 -7.33
C LEU H 40 8.78 23.94 -8.27
N ASP H 41 7.68 24.47 -7.72
CA ASP H 41 6.52 24.88 -8.50
C ASP H 41 6.81 26.06 -9.45
N GLY H 42 7.69 26.97 -9.04
CA GLY H 42 8.15 28.05 -9.91
C GLY H 42 8.99 27.56 -11.08
N ILE H 43 9.85 26.57 -10.82
CA ILE H 43 10.62 25.90 -11.87
C ILE H 43 9.71 25.11 -12.81
N GLY H 44 8.75 24.39 -12.21
CA GLY H 44 7.67 23.72 -12.96
C GLY H 44 6.91 24.65 -13.90
N ILE H 45 6.58 25.84 -13.42
CA ILE H 45 5.89 26.86 -14.20
C ILE H 45 6.69 27.34 -15.42
N LYS H 46 7.98 27.66 -15.21
CA LYS H 46 8.90 28.04 -16.28
C LYS H 46 9.15 26.92 -17.29
N LEU H 47 9.25 25.69 -16.79
CA LEU H 47 9.45 24.49 -17.60
C LEU H 47 8.28 24.25 -18.55
N LEU H 48 7.06 24.46 -18.03
CA LEU H 48 5.83 24.28 -18.78
C LEU H 48 5.67 25.35 -19.86
N GLN H 49 6.18 26.54 -19.56
CA GLN H 49 6.13 27.67 -20.49
C GLN H 49 7.09 27.48 -21.66
N LYS H 50 8.30 27.01 -21.34
CA LYS H 50 9.31 26.65 -22.31
C LYS H 50 8.85 25.55 -23.28
N GLY H 52 5.80 25.42 -24.39
CA GLY H 52 4.68 26.01 -25.12
C GLY H 52 3.31 25.71 -24.55
N ILE H 53 3.24 25.35 -23.28
CA ILE H 53 1.97 25.05 -22.64
C ILE H 53 1.52 26.29 -21.87
N THR H 54 0.38 26.86 -22.29
CA THR H 54 -0.24 27.99 -21.61
C THR H 54 -0.73 27.56 -20.22
N LEU H 55 -0.54 28.45 -19.24
CA LEU H 55 -0.92 28.22 -17.84
C LEU H 55 -2.08 29.09 -17.35
N ALA H 56 -3.03 28.45 -16.69
CA ALA H 56 -4.24 29.14 -16.21
C ALA H 56 -4.60 28.68 -14.80
N VAL H 57 -5.26 29.56 -14.06
CA VAL H 57 -5.67 29.29 -12.69
C VAL H 57 -7.17 29.56 -12.56
N ILE H 58 -7.88 28.57 -12.01
CA ILE H 58 -9.28 28.69 -11.63
C ILE H 58 -9.42 28.21 -10.18
N SER H 59 -9.57 29.17 -9.26
CA SER H 59 -9.83 28.84 -7.86
C SER H 59 -10.95 29.68 -7.28
N GLY H 60 -11.81 29.05 -6.47
CA GLY H 60 -12.89 29.76 -5.77
C GLY H 60 -12.33 30.76 -4.78
N ARG H 61 -11.35 30.33 -4.00
CA ARG H 61 -10.67 31.20 -3.06
C ARG H 61 -9.60 32.00 -3.80
N ASP H 62 -9.61 33.31 -3.57
CA ASP H 62 -8.56 34.23 -4.02
C ASP H 62 -7.39 34.07 -3.06
N SER H 63 -6.17 34.27 -3.56
CA SER H 63 -4.97 34.25 -2.73
C SER H 63 -3.99 35.34 -3.16
N ALA H 64 -3.89 36.39 -2.36
CA ALA H 64 -3.08 37.55 -2.70
C ALA H 64 -1.56 37.28 -2.81
N PRO H 65 -0.97 36.51 -1.86
CA PRO H 65 0.48 36.25 -1.92
C PRO H 65 0.91 35.39 -3.12
N LEU H 66 0.26 34.25 -3.33
CA LEU H 66 0.36 33.57 -4.63
C LEU H 66 -0.43 34.45 -5.60
N ILE H 67 -0.38 34.15 -6.90
CA ILE H 67 -1.03 35.03 -7.89
C ILE H 67 -0.17 36.27 -8.11
N THR H 68 0.27 36.90 -7.03
CA THR H 68 1.35 37.89 -7.12
C THR H 68 2.62 37.20 -7.63
N ARG H 69 3.01 36.11 -6.98
CA ARG H 69 4.12 35.25 -7.39
C ARG H 69 3.90 34.68 -8.79
N LEU H 70 2.71 34.12 -9.03
CA LEU H 70 2.37 33.53 -10.34
C LEU H 70 2.43 34.54 -11.48
N LYS H 71 1.94 35.75 -11.24
CA LYS H 71 2.00 36.85 -12.22
C LYS H 71 3.43 37.29 -12.49
N GLU H 72 4.26 37.32 -11.44
CA GLU H 72 5.71 37.56 -11.55
C GLU H 72 6.42 36.48 -12.36
N LEU H 73 5.95 35.24 -12.21
CA LEU H 73 6.48 34.09 -12.93
C LEU H 73 5.95 34.00 -14.36
N GLY H 74 4.95 34.82 -14.68
CA GLY H 74 4.44 34.95 -16.04
C GLY H 74 3.05 34.40 -16.31
N VAL H 75 2.39 33.88 -15.28
CA VAL H 75 1.02 33.36 -15.42
C VAL H 75 0.04 34.54 -15.51
N GLU H 76 -0.75 34.57 -16.59
CA GLU H 76 -1.61 35.71 -16.90
C GLU H 76 -3.11 35.35 -16.87
N GLU H 77 -3.45 34.14 -17.30
CA GLU H 77 -4.85 33.67 -17.26
C GLU H 77 -5.31 33.27 -15.86
N ILE H 78 -5.82 34.22 -15.10
CA ILE H 78 -6.12 34.02 -13.68
C ILE H 78 -7.58 34.34 -13.37
N TYR H 79 -8.27 33.37 -12.77
CA TYR H 79 -9.70 33.47 -12.44
C TYR H 79 -9.96 33.15 -10.97
N THR H 80 -10.46 34.13 -10.23
CA THR H 80 -10.72 33.96 -8.80
C THR H 80 -12.17 34.26 -8.38
N GLY H 81 -12.64 33.57 -7.35
CA GLY H 81 -14.02 33.68 -6.89
C GLY H 81 -14.89 32.67 -7.59
N LYS H 84 -17.78 28.53 -9.81
CA LYS H 84 -18.53 28.61 -11.06
C LYS H 84 -17.73 27.94 -12.17
N LYS H 85 -16.98 26.90 -11.82
CA LYS H 85 -16.14 26.18 -12.77
C LYS H 85 -17.00 25.44 -13.77
N LEU H 86 -16.45 25.22 -14.96
CA LEU H 86 -17.17 24.75 -16.16
C LEU H 86 -18.00 25.77 -16.94
N GLU H 87 -18.11 26.98 -16.40
CA GLU H 87 -18.38 28.23 -17.10
C GLU H 87 -17.07 28.92 -17.48
N ILE H 88 -16.14 28.93 -16.53
CA ILE H 88 -14.83 29.57 -16.72
C ILE H 88 -13.96 28.75 -17.68
N TYR H 89 -14.04 27.42 -17.54
CA TYR H 89 -13.34 26.50 -18.43
C TYR H 89 -13.70 26.78 -19.88
N GLU H 90 -14.99 26.92 -20.15
CA GLU H 90 -15.49 27.17 -21.51
C GLU H 90 -15.02 28.51 -22.05
N LYS H 91 -14.87 29.50 -21.17
CA LYS H 91 -14.27 30.80 -21.54
C LYS H 91 -12.80 30.70 -21.99
N ILE H 92 -11.97 30.01 -21.21
CA ILE H 92 -10.56 29.84 -21.57
C ILE H 92 -10.43 29.01 -22.86
N LYS H 93 -11.17 27.90 -22.91
CA LYS H 93 -11.28 27.03 -24.08
C LYS H 93 -11.58 27.80 -25.38
N GLU H 94 -12.59 28.67 -25.34
CA GLU H 94 -12.97 29.47 -26.50
C GLU H 94 -11.96 30.56 -26.81
N LYS H 95 -11.44 31.18 -25.75
CA LYS H 95 -10.47 32.26 -25.88
C LYS H 95 -9.22 31.82 -26.60
N TYR H 96 -8.79 30.58 -26.36
CA TYR H 96 -7.58 30.03 -26.96
C TYR H 96 -7.90 29.10 -28.14
N SER H 97 -9.20 29.05 -28.46
CA SER H 97 -9.73 28.20 -29.54
C SER H 97 -9.19 26.76 -29.52
N LEU H 98 -9.45 26.08 -28.41
CA LEU H 98 -8.96 24.71 -28.22
C LEU H 98 -10.11 23.71 -28.10
N LYS H 99 -9.76 22.43 -28.28
CA LYS H 99 -10.66 21.33 -28.01
C LYS H 99 -10.44 20.84 -26.58
N ASP H 100 -11.40 20.06 -26.08
CA ASP H 100 -11.33 19.44 -24.76
C ASP H 100 -10.06 18.60 -24.60
N GLU H 101 -9.72 17.87 -25.66
CA GLU H 101 -8.56 16.97 -25.70
C GLU H 101 -7.21 17.67 -25.54
N GLU H 102 -7.20 18.98 -25.70
CA GLU H 102 -5.98 19.79 -25.74
C GLU H 102 -5.70 20.47 -24.40
N ILE H 103 -6.69 20.40 -23.51
CA ILE H 103 -6.61 21.00 -22.18
C ILE H 103 -6.31 19.96 -21.10
N GLY H 104 -5.52 20.36 -20.12
CA GLY H 104 -5.28 19.58 -18.91
C GLY H 104 -5.79 20.35 -17.71
N PHE H 105 -6.01 19.64 -16.61
CA PHE H 105 -6.53 20.26 -15.38
C PHE H 105 -5.94 19.60 -14.14
N ILE H 106 -5.35 20.40 -13.25
CA ILE H 106 -4.91 19.83 -11.98
C ILE H 106 -5.76 20.29 -10.79
N GLY H 107 -6.44 19.31 -10.19
CA GLY H 107 -7.46 19.57 -9.21
C GLY H 107 -7.30 18.86 -7.89
N ASP H 108 -7.92 19.46 -6.88
CA ASP H 108 -7.92 18.93 -5.53
C ASP H 108 -9.27 19.21 -4.88
N ASP H 109 -10.32 19.27 -5.71
CA ASP H 109 -11.64 19.68 -5.29
C ASP H 109 -12.72 18.92 -6.06
N VAL H 110 -13.86 18.66 -5.42
CA VAL H 110 -14.99 18.00 -6.10
C VAL H 110 -15.66 18.89 -7.14
N VAL H 111 -15.45 20.19 -7.02
CA VAL H 111 -15.96 21.19 -7.97
C VAL H 111 -15.20 21.09 -9.30
N ASP H 112 -14.02 20.48 -9.27
CA ASP H 112 -13.22 20.28 -10.47
C ASP H 112 -13.70 19.08 -11.29
N ILE H 113 -14.39 18.15 -10.65
CA ILE H 113 -14.68 16.83 -11.25
C ILE H 113 -15.31 16.90 -12.64
N GLU H 114 -16.36 17.72 -12.81
CA GLU H 114 -17.06 17.84 -14.09
C GLU H 114 -16.20 18.41 -15.21
N VAL H 115 -15.29 19.33 -14.85
CA VAL H 115 -14.28 19.86 -15.78
C VAL H 115 -13.22 18.81 -16.11
N LYS H 117 -13.55 15.64 -16.17
CA LYS H 117 -14.19 14.62 -16.99
C LYS H 117 -14.14 14.98 -18.46
N LYS H 118 -14.13 16.29 -18.73
CA LYS H 118 -14.09 16.82 -20.10
C LYS H 118 -12.69 16.88 -20.68
N VAL H 119 -11.72 17.27 -19.85
CA VAL H 119 -10.36 17.59 -20.30
C VAL H 119 -9.55 16.38 -20.69
N GLY H 120 -8.64 16.56 -21.63
CA GLY H 120 -7.73 15.50 -22.09
C GLY H 120 -6.73 15.00 -21.05
N PHE H 121 -6.24 15.89 -20.19
CA PHE H 121 -5.20 15.52 -19.22
C PHE H 121 -5.55 15.91 -17.78
N PRO H 122 -6.52 15.19 -17.16
CA PRO H 122 -6.91 15.50 -15.78
C PRO H 122 -5.90 14.93 -14.78
N VAL H 123 -5.50 15.76 -13.81
CA VAL H 123 -4.50 15.38 -12.82
C VAL H 123 -5.09 15.60 -11.43
N ALA H 124 -4.88 14.64 -10.54
CA ALA H 124 -5.25 14.73 -9.13
C ALA H 124 -4.03 14.66 -8.23
N VAL H 125 -4.08 15.42 -7.14
CA VAL H 125 -3.04 15.37 -6.12
C VAL H 125 -3.16 14.11 -5.24
N ARG H 126 -2.02 13.56 -4.84
CA ARG H 126 -1.89 12.39 -3.96
C ARG H 126 -3.01 12.20 -2.91
N ASN H 127 -3.17 13.20 -2.04
CA ASN H 127 -4.10 13.11 -0.91
C ASN H 127 -5.50 13.69 -1.18
N ALA H 128 -5.79 14.03 -2.43
CA ALA H 128 -7.13 14.41 -2.86
C ALA H 128 -8.12 13.28 -2.58
N VAL H 129 -9.37 13.65 -2.32
CA VAL H 129 -10.45 12.69 -2.08
C VAL H 129 -10.61 11.79 -3.30
N GLU H 130 -10.90 10.51 -3.05
CA GLU H 130 -10.96 9.48 -4.08
C GLU H 130 -11.89 9.83 -5.26
N GLU H 131 -12.92 10.64 -4.99
CA GLU H 131 -13.84 11.07 -6.04
C GLU H 131 -13.09 11.81 -7.13
N VAL H 132 -12.25 12.75 -6.71
CA VAL H 132 -11.32 13.46 -7.60
C VAL H 132 -10.28 12.53 -8.26
N ARG H 133 -9.66 11.66 -7.47
CA ARG H 133 -8.59 10.80 -7.94
C ARG H 133 -9.00 9.83 -9.05
N LYS H 134 -10.22 9.29 -8.96
CA LYS H 134 -10.67 8.30 -9.94
C LYS H 134 -10.99 8.87 -11.32
N VAL H 135 -11.08 10.19 -11.38
CA VAL H 135 -11.38 10.92 -12.61
C VAL H 135 -10.11 11.37 -13.36
N ALA H 136 -8.97 11.36 -12.66
CA ALA H 136 -7.69 11.81 -13.21
C ALA H 136 -6.95 10.70 -13.94
N VAL H 137 -6.20 11.06 -14.98
CA VAL H 137 -5.40 10.07 -15.72
C VAL H 137 -4.04 9.85 -15.03
N TYR H 138 -3.64 10.84 -14.23
CA TYR H 138 -2.42 10.78 -13.44
C TYR H 138 -2.65 11.34 -12.03
N ILE H 139 -2.10 10.64 -11.04
CA ILE H 139 -2.13 11.07 -9.66
C ILE H 139 -0.69 11.29 -9.21
N THR H 140 -0.41 12.45 -8.62
CA THR H 140 0.95 12.83 -8.23
C THR H 140 1.43 12.10 -7.00
N GLN H 141 2.75 11.97 -6.89
CA GLN H 141 3.38 11.36 -5.73
C GLN H 141 3.43 12.38 -4.59
N ARG H 142 3.52 13.64 -4.97
CA ARG H 142 3.60 14.72 -4.02
C ARG H 142 2.25 15.35 -3.67
N ASN H 143 2.11 15.72 -2.43
CA ASN H 143 1.02 16.51 -1.97
C ASN H 143 0.97 17.93 -2.46
N GLY H 144 -0.15 18.56 -2.18
CA GLY H 144 -0.27 19.95 -2.45
C GLY H 144 0.79 20.64 -1.66
N GLY H 145 1.59 21.41 -2.32
CA GLY H 145 2.42 22.31 -1.61
C GLY H 145 3.81 21.77 -1.49
N GLU H 146 4.01 20.50 -1.78
CA GLU H 146 5.32 19.94 -1.82
C GLU H 146 6.05 19.89 -3.18
N GLY H 147 5.42 20.46 -4.19
CA GLY H 147 5.98 20.52 -5.55
C GLY H 147 5.20 19.71 -6.58
N ALA H 148 3.89 19.66 -6.43
CA ALA H 148 3.01 18.85 -7.29
C ALA H 148 2.97 19.32 -8.74
N LEU H 149 3.01 20.63 -8.94
CA LEU H 149 3.01 21.21 -10.28
C LEU H 149 4.28 20.90 -11.05
N ARG H 150 5.41 20.93 -10.37
CA ARG H 150 6.71 20.57 -10.94
C ARG H 150 6.74 19.11 -11.37
N GLU H 151 6.08 18.24 -10.61
CA GLU H 151 6.01 16.82 -10.94
C GLU H 151 5.24 16.62 -12.23
N VAL H 152 4.18 17.39 -12.40
CA VAL H 152 3.38 17.34 -13.63
C VAL H 152 4.22 17.83 -14.81
N ALA H 153 5.01 18.89 -14.59
CA ALA H 153 5.95 19.41 -15.60
C ALA H 153 7.03 18.40 -15.99
N GLU H 154 7.61 17.74 -14.97
CA GLU H 154 8.55 16.62 -15.14
C GLU H 154 7.98 15.52 -16.02
N LEU H 155 6.75 15.09 -15.71
CA LEU H 155 6.08 14.00 -16.41
C LEU H 155 5.81 14.30 -17.89
N ILE H 156 5.25 15.47 -18.19
CA ILE H 156 4.95 15.88 -19.56
C ILE H 156 6.21 15.86 -20.43
N HIS H 157 7.27 16.44 -19.89
CA HIS H 157 8.58 16.48 -20.51
C HIS H 157 9.22 15.10 -20.78
N PHE H 158 9.05 14.19 -19.83
CA PHE H 158 9.54 12.82 -19.98
C PHE H 158 8.77 12.06 -21.05
N LEU H 159 7.47 12.35 -21.17
CA LEU H 159 6.61 11.65 -22.11
C LEU H 159 6.66 12.21 -23.54
N LYS H 160 7.47 13.25 -23.76
CA LYS H 160 7.65 13.84 -25.09
C LYS H 160 8.94 13.43 -25.79
#